data_8I6R
#
_entry.id   8I6R
#
_cell.length_a   1.00
_cell.length_b   1.00
_cell.length_c   1.00
_cell.angle_alpha   90.00
_cell.angle_beta   90.00
_cell.angle_gamma   90.00
#
_symmetry.space_group_name_H-M   'P 1'
#
loop_
_entity.id
_entity.type
_entity.pdbx_description
1 polymer 'Cell division protein FtsX'
2 polymer 'Cell division ATP-binding protein FtsE'
3 non-polymer "ADENOSINE-5'-TRIPHOSPHATE"
4 non-polymer 'MAGNESIUM ION'
#
loop_
_entity_poly.entity_id
_entity_poly.type
_entity_poly.pdbx_seq_one_letter_code
_entity_poly.pdbx_strand_id
1 'polypeptide(L)'
;MSANDLPRGPEEGAPERKTREKPSQEQTDWSGSFSAYLESHRASLVDSLRRLFGHPFGSFFTCLVMGITLSLPMGLSLLL
NNVERLGGSWQRAAQISLFLDLKTSENQGQDLREQIERLPDVIEAQLISREQALSELQEQSGLGEALKELPENPLPPVIS
VTPKQIDRAGLEALRQQLAELPHVQQAQLDLVWVERLSAILKLGERFVFGLTILLVLTLLLVVGNTIRLHIENRRNEIEV
IKLVGGTDGYVRRPFLYMGALYGLGAGILSWALLAYSLNWLNGSVVNLSGLYGSDFGLQGVPLDDGLSLTVGAVLLGWVG
AWLAVARHLRELAPR
;
A,C
2 'polypeptide(L)'
;MIRFEQVGKRYPNGHVGLHEVSFRVHRGEILFVTGHSGAGKSTLLRLILAMERPTSGKLLLGGQDLGRITTAQIPFLRRQ
IGVVFQNHQLLTDRTVADNIALPLQILGMPKPEIAKRVASALERVNLKEKGEALPSDLSTGQQQRVGIARAIVHQPALLL
ADQPTGNLDPRLASEIMGVFEDINRLGTTVLIASHDLALIARMRHRMLTLQRGRIIADREDEA
;
B,D
#
loop_
_chem_comp.id
_chem_comp.type
_chem_comp.name
_chem_comp.formula
ATP non-polymer ADENOSINE-5'-TRIPHOSPHATE 'C10 H16 N5 O13 P3'
MG non-polymer 'MAGNESIUM ION' 'Mg 2'
#
# COMPACT_ATOMS: atom_id res chain seq x y z
N SER A 35 -25.52 26.65 2.87
CA SER A 35 -26.25 25.55 2.26
C SER A 35 -25.34 24.72 1.38
N ALA A 36 -24.19 25.31 1.01
CA ALA A 36 -23.25 24.67 0.10
C ALA A 36 -22.70 23.36 0.63
N TYR A 37 -23.03 23.00 1.87
CA TYR A 37 -22.56 21.74 2.45
C TYR A 37 -23.01 20.57 1.59
N LEU A 38 -24.26 20.58 1.15
CA LEU A 38 -24.75 19.53 0.26
C LEU A 38 -24.00 19.54 -1.07
N GLU A 39 -23.71 20.74 -1.59
CA GLU A 39 -23.11 20.86 -2.91
C GLU A 39 -21.74 20.21 -2.98
N SER A 40 -20.93 20.38 -1.93
CA SER A 40 -19.60 19.80 -1.93
C SER A 40 -19.65 18.29 -2.00
N HIS A 41 -20.60 17.68 -1.30
CA HIS A 41 -20.67 16.22 -1.26
C HIS A 41 -20.89 15.63 -2.65
N ARG A 42 -21.78 16.23 -3.43
CA ARG A 42 -22.17 15.64 -4.71
C ARG A 42 -20.97 15.54 -5.65
N ALA A 43 -20.17 16.60 -5.72
CA ALA A 43 -19.00 16.57 -6.60
C ALA A 43 -18.00 15.51 -6.15
N SER A 44 -17.83 15.35 -4.84
CA SER A 44 -16.85 14.41 -4.32
C SER A 44 -17.15 12.98 -4.75
N LEU A 45 -18.41 12.67 -5.02
CA LEU A 45 -18.73 11.33 -5.50
C LEU A 45 -18.33 11.15 -6.95
N VAL A 46 -18.61 12.15 -7.78
CA VAL A 46 -18.48 11.98 -9.22
C VAL A 46 -17.04 11.67 -9.59
N ASP A 47 -16.10 12.47 -9.11
CA ASP A 47 -14.70 12.22 -9.41
C ASP A 47 -14.21 10.95 -8.75
N SER A 48 -14.70 10.64 -7.54
CA SER A 48 -14.30 9.42 -6.88
C SER A 48 -14.62 8.20 -7.73
N LEU A 49 -15.84 8.14 -8.23
CA LEU A 49 -16.19 7.10 -9.20
C LEU A 49 -15.32 7.24 -10.44
N ARG A 50 -15.12 8.47 -10.90
CA ARG A 50 -14.23 8.69 -12.03
C ARG A 50 -12.82 8.22 -11.72
N ARG A 51 -12.30 8.55 -10.54
CA ARG A 51 -10.97 8.07 -10.17
C ARG A 51 -11.00 6.56 -9.94
N LEU A 52 -12.17 6.01 -9.61
CA LEU A 52 -12.28 4.56 -9.50
C LEU A 52 -12.01 3.90 -10.83
N PHE A 53 -12.79 4.25 -11.86
CA PHE A 53 -12.68 3.54 -13.12
C PHE A 53 -11.39 3.85 -13.85
N GLY A 54 -10.86 5.05 -13.69
CA GLY A 54 -9.49 5.28 -14.08
C GLY A 54 -8.61 4.34 -13.29
N HIS A 55 -7.71 3.65 -13.97
CA HIS A 55 -6.86 2.63 -13.36
C HIS A 55 -7.73 1.54 -12.74
N PRO A 56 -8.52 0.82 -13.53
CA PRO A 56 -9.47 -0.12 -12.93
C PRO A 56 -8.81 -1.38 -12.38
N PHE A 57 -7.75 -1.86 -13.04
CA PHE A 57 -7.17 -3.15 -12.64
C PHE A 57 -6.57 -3.08 -11.24
N GLY A 58 -5.82 -2.00 -10.94
CA GLY A 58 -5.25 -1.88 -9.61
C GLY A 58 -6.30 -1.73 -8.53
N SER A 59 -7.33 -0.92 -8.79
CA SER A 59 -8.39 -0.74 -7.82
C SER A 59 -9.12 -2.05 -7.56
N PHE A 60 -9.37 -2.83 -8.61
CA PHE A 60 -9.98 -4.14 -8.43
C PHE A 60 -9.08 -5.06 -7.63
N PHE A 61 -7.77 -5.00 -7.89
CA PHE A 61 -6.83 -5.83 -7.16
C PHE A 61 -6.89 -5.52 -5.66
N THR A 62 -6.85 -4.23 -5.33
CA THR A 62 -6.93 -3.83 -3.93
C THR A 62 -8.25 -4.25 -3.31
N CYS A 63 -9.35 -4.06 -4.05
CA CYS A 63 -10.65 -4.47 -3.53
C CYS A 63 -10.68 -5.96 -3.24
N LEU A 64 -10.13 -6.76 -4.15
CA LEU A 64 -10.12 -8.20 -4.01
C LEU A 64 -9.32 -8.65 -2.79
N VAL A 65 -8.16 -8.05 -2.55
CA VAL A 65 -7.35 -8.49 -1.42
C VAL A 65 -8.10 -8.32 -0.11
N MET A 66 -8.63 -7.12 0.13
CA MET A 66 -9.31 -6.91 1.41
C MET A 66 -10.66 -7.62 1.45
N GLY A 67 -11.27 -7.88 0.29
CA GLY A 67 -12.48 -8.69 0.30
C GLY A 67 -12.22 -10.10 0.76
N ILE A 68 -11.19 -10.74 0.20
CA ILE A 68 -10.90 -12.12 0.59
C ILE A 68 -10.46 -12.17 2.05
N THR A 69 -9.75 -11.14 2.51
CA THR A 69 -9.39 -11.11 3.92
C THR A 69 -10.63 -10.97 4.80
N LEU A 70 -11.55 -10.10 4.43
CA LEU A 70 -12.77 -9.91 5.23
C LEU A 70 -13.59 -11.19 5.27
N SER A 71 -13.54 -11.96 4.19
CA SER A 71 -14.35 -13.17 4.11
C SER A 71 -14.07 -14.16 5.23
N LEU A 72 -12.80 -14.32 5.60
CA LEU A 72 -12.42 -15.46 6.43
C LEU A 72 -13.04 -15.43 7.83
N PRO A 73 -12.95 -14.35 8.61
CA PRO A 73 -13.49 -14.43 9.98
C PRO A 73 -14.98 -14.67 10.02
N MET A 74 -15.76 -13.98 9.19
CA MET A 74 -17.18 -14.24 9.16
C MET A 74 -17.46 -15.65 8.66
N GLY A 75 -16.65 -16.14 7.71
CA GLY A 75 -16.81 -17.50 7.25
C GLY A 75 -16.66 -18.51 8.35
N LEU A 76 -15.68 -18.30 9.23
CA LEU A 76 -15.56 -19.18 10.38
C LEU A 76 -16.72 -18.96 11.35
N SER A 77 -17.22 -17.74 11.43
CA SER A 77 -18.32 -17.47 12.37
C SER A 77 -19.58 -18.25 11.99
N LEU A 78 -19.91 -18.30 10.70
CA LEU A 78 -21.16 -18.91 10.29
C LEU A 78 -21.22 -20.41 10.63
N LEU A 79 -20.12 -21.13 10.42
CA LEU A 79 -20.17 -22.55 10.74
C LEU A 79 -20.37 -22.79 12.22
N LEU A 80 -19.93 -21.85 13.05
CA LEU A 80 -20.26 -21.92 14.47
C LEU A 80 -21.77 -21.85 14.68
N ASN A 81 -22.44 -20.96 13.96
CA ASN A 81 -23.89 -20.91 14.04
C ASN A 81 -24.51 -22.21 13.54
N ASN A 82 -23.90 -22.81 12.52
CA ASN A 82 -24.43 -24.08 12.00
C ASN A 82 -24.34 -25.17 13.06
N VAL A 83 -23.19 -25.32 13.71
CA VAL A 83 -23.06 -26.37 14.71
C VAL A 83 -23.90 -26.04 15.94
N GLU A 84 -24.16 -24.75 16.18
CA GLU A 84 -25.11 -24.39 17.23
C GLU A 84 -26.51 -24.84 16.88
N ARG A 85 -26.92 -24.66 15.62
CA ARG A 85 -28.21 -25.18 15.18
C ARG A 85 -28.26 -26.69 15.36
N LEU A 86 -27.14 -27.37 15.10
CA LEU A 86 -27.02 -28.78 15.41
C LEU A 86 -26.46 -28.98 16.81
N GLY A 87 -27.10 -28.29 17.77
CA GLY A 87 -26.55 -28.23 19.12
C GLY A 87 -26.82 -29.47 19.94
N GLY A 88 -27.76 -30.31 19.49
CA GLY A 88 -28.10 -31.49 20.26
C GLY A 88 -26.96 -32.49 20.37
N SER A 89 -26.22 -32.68 19.27
CA SER A 89 -25.17 -33.70 19.25
C SER A 89 -23.97 -33.30 20.08
N TRP A 90 -23.87 -32.02 20.45
CA TRP A 90 -22.79 -31.59 21.35
C TRP A 90 -22.88 -32.32 22.68
N GLN A 91 -24.08 -32.45 23.21
CA GLN A 91 -24.35 -33.25 24.38
C GLN A 91 -24.93 -34.60 23.96
N ARG A 92 -25.36 -35.41 24.92
CA ARG A 92 -26.05 -36.67 24.70
C ARG A 92 -25.12 -37.72 24.10
N ALA A 93 -23.91 -37.33 23.71
CA ALA A 93 -22.92 -38.30 23.26
C ALA A 93 -22.21 -38.92 24.45
N ALA A 94 -21.67 -38.09 25.33
CA ALA A 94 -21.18 -38.52 26.64
C ALA A 94 -22.33 -38.33 27.63
N GLN A 95 -23.42 -39.04 27.36
CA GLN A 95 -24.67 -38.87 28.09
C GLN A 95 -24.55 -39.56 29.46
N ILE A 96 -25.41 -39.20 30.41
CA ILE A 96 -25.44 -39.84 31.71
C ILE A 96 -26.69 -40.70 31.83
N SER A 97 -26.49 -41.99 32.09
CA SER A 97 -27.57 -42.94 32.27
C SER A 97 -27.53 -43.52 33.67
N LEU A 98 -28.68 -43.96 34.15
CA LEU A 98 -28.83 -44.48 35.50
C LEU A 98 -29.48 -45.85 35.45
N PHE A 99 -29.04 -46.75 36.34
CA PHE A 99 -29.73 -48.02 36.57
C PHE A 99 -30.42 -47.91 37.93
N LEU A 100 -31.74 -48.07 37.93
CA LEU A 100 -32.54 -47.88 39.13
C LEU A 100 -32.48 -49.11 40.03
N ASP A 101 -33.39 -49.18 41.00
CA ASP A 101 -33.47 -50.32 41.90
C ASP A 101 -33.75 -51.60 41.09
N LEU A 102 -33.69 -52.74 41.77
CA LEU A 102 -33.90 -54.02 41.09
C LEU A 102 -35.30 -54.10 40.47
N LYS A 103 -36.32 -53.68 41.22
CA LYS A 103 -37.69 -53.64 40.73
C LYS A 103 -38.29 -52.27 41.07
N THR A 104 -38.24 -51.38 40.07
CA THR A 104 -38.87 -50.08 40.20
C THR A 104 -40.12 -50.05 39.33
N SER A 105 -41.22 -49.54 39.87
CA SER A 105 -42.49 -49.48 39.15
C SER A 105 -42.35 -48.63 37.90
N GLU A 106 -43.05 -49.03 36.84
CA GLU A 106 -42.95 -48.33 35.57
C GLU A 106 -43.43 -46.88 35.71
N ASN A 107 -44.57 -46.67 36.37
CA ASN A 107 -45.07 -45.32 36.57
C ASN A 107 -44.12 -44.49 37.44
N GLN A 108 -43.39 -45.15 38.34
CA GLN A 108 -42.40 -44.44 39.15
C GLN A 108 -41.36 -43.77 38.27
N GLY A 109 -40.76 -44.52 37.33
CA GLY A 109 -39.81 -43.93 36.41
C GLY A 109 -40.45 -42.95 35.46
N GLN A 110 -41.68 -43.25 35.01
CA GLN A 110 -42.41 -42.34 34.12
C GLN A 110 -42.60 -40.97 34.77
N ASP A 111 -42.77 -40.95 36.09
CA ASP A 111 -42.84 -39.69 36.80
C ASP A 111 -41.46 -39.15 37.17
N LEU A 112 -40.47 -40.03 37.34
CA LEU A 112 -39.14 -39.58 37.74
C LEU A 112 -38.44 -38.82 36.62
N ARG A 113 -38.71 -39.18 35.37
CA ARG A 113 -38.13 -38.39 34.27
C ARG A 113 -38.61 -36.95 34.34
N GLU A 114 -39.91 -36.74 34.56
CA GLU A 114 -40.44 -35.41 34.76
C GLU A 114 -39.94 -34.76 36.05
N GLN A 115 -39.76 -35.54 37.11
CA GLN A 115 -39.29 -35.00 38.38
C GLN A 115 -37.87 -34.47 38.25
N ILE A 116 -37.02 -35.17 37.48
CA ILE A 116 -35.69 -34.66 37.18
C ILE A 116 -35.72 -33.62 36.07
N GLU A 117 -36.83 -33.51 35.34
CA GLU A 117 -36.92 -32.53 34.28
C GLU A 117 -36.85 -31.11 34.81
N ARG A 118 -37.49 -30.86 35.96
CA ARG A 118 -37.39 -29.54 36.58
C ARG A 118 -35.97 -29.24 37.01
N LEU A 119 -35.19 -30.28 37.32
CA LEU A 119 -33.78 -30.10 37.62
C LEU A 119 -33.04 -29.69 36.35
N PRO A 120 -32.06 -28.78 36.44
CA PRO A 120 -31.47 -28.18 35.22
C PRO A 120 -30.91 -29.17 34.20
N ASP A 121 -29.90 -29.95 34.59
CA ASP A 121 -29.14 -30.69 33.59
C ASP A 121 -29.90 -31.86 32.97
N VAL A 122 -31.06 -31.57 32.37
CA VAL A 122 -31.78 -32.56 31.59
C VAL A 122 -32.20 -31.97 30.24
N ILE A 123 -31.35 -32.13 29.22
CA ILE A 123 -31.80 -31.81 27.87
C ILE A 123 -32.96 -32.72 27.49
N GLU A 124 -32.84 -33.99 27.87
CA GLU A 124 -33.94 -34.94 27.70
C GLU A 124 -34.06 -35.79 28.96
N ALA A 125 -35.30 -36.20 29.23
CA ALA A 125 -35.61 -37.10 30.34
C ALA A 125 -36.67 -38.06 29.84
N GLN A 126 -36.24 -39.24 29.40
CA GLN A 126 -37.11 -40.21 28.77
C GLN A 126 -37.23 -41.44 29.66
N LEU A 127 -38.46 -41.93 29.80
CA LEU A 127 -38.75 -43.02 30.70
C LEU A 127 -38.47 -44.36 30.04
N ILE A 128 -37.78 -45.24 30.76
CA ILE A 128 -37.63 -46.64 30.33
C ILE A 128 -37.91 -47.53 31.53
N SER A 129 -39.02 -48.25 31.47
CA SER A 129 -39.44 -49.07 32.60
C SER A 129 -38.56 -50.30 32.75
N ARG A 130 -38.81 -51.06 33.82
CA ARG A 130 -38.11 -52.31 34.05
C ARG A 130 -38.39 -53.31 32.93
N GLU A 131 -39.66 -53.44 32.55
CA GLU A 131 -40.02 -54.39 31.50
C GLU A 131 -39.40 -53.99 30.17
N GLN A 132 -39.26 -52.69 29.92
CA GLN A 132 -38.56 -52.22 28.74
C GLN A 132 -37.05 -52.41 28.85
N ALA A 133 -36.47 -52.20 30.03
CA ALA A 133 -35.04 -52.40 30.26
C ALA A 133 -34.62 -53.85 30.05
N LEU A 134 -35.46 -54.79 30.48
CA LEU A 134 -35.17 -56.20 30.25
C LEU A 134 -34.98 -56.48 28.76
N SER A 135 -35.96 -56.08 27.94
CA SER A 135 -35.87 -56.31 26.51
C SER A 135 -34.69 -55.56 25.90
N GLU A 136 -34.48 -54.31 26.35
CA GLU A 136 -33.38 -53.52 25.82
C GLU A 136 -32.05 -54.23 26.03
N LEU A 137 -31.84 -54.76 27.23
CA LEU A 137 -30.60 -55.49 27.51
C LEU A 137 -30.56 -56.80 26.70
N GLN A 138 -31.72 -57.42 26.48
CA GLN A 138 -31.74 -58.65 25.69
C GLN A 138 -31.25 -58.40 24.26
N GLU A 139 -31.72 -57.31 23.64
CA GLU A 139 -31.21 -57.03 22.29
C GLU A 139 -29.79 -56.48 22.31
N GLN A 140 -29.41 -55.77 23.37
CA GLN A 140 -28.02 -55.27 23.45
C GLN A 140 -27.03 -56.43 23.55
N SER A 141 -27.34 -57.45 24.34
CA SER A 141 -26.45 -58.59 24.49
C SER A 141 -26.63 -59.58 23.35
N PRO A 154 -35.87 -57.43 38.48
CA PRO A 154 -34.69 -57.96 37.77
C PRO A 154 -33.72 -56.87 37.34
N LEU A 155 -33.56 -56.70 36.04
CA LEU A 155 -32.62 -55.71 35.52
C LEU A 155 -33.09 -54.30 35.87
N PRO A 156 -32.21 -53.43 36.34
CA PRO A 156 -32.62 -52.10 36.79
C PRO A 156 -33.27 -51.31 35.66
N PRO A 157 -34.37 -50.61 35.95
CA PRO A 157 -34.93 -49.67 34.96
C PRO A 157 -33.92 -48.60 34.60
N VAL A 158 -33.67 -48.40 33.30
CA VAL A 158 -32.69 -47.43 32.86
C VAL A 158 -33.40 -46.10 32.56
N ILE A 159 -32.64 -45.01 32.52
CA ILE A 159 -33.20 -43.71 32.24
C ILE A 159 -32.22 -42.96 31.35
N SER A 160 -32.73 -42.01 30.57
CA SER A 160 -31.92 -41.21 29.67
C SER A 160 -31.88 -39.76 30.18
N VAL A 161 -30.69 -39.27 30.50
CA VAL A 161 -30.52 -37.91 31.00
C VAL A 161 -29.36 -37.23 30.26
N THR A 162 -29.67 -36.16 29.54
CA THR A 162 -28.62 -35.37 28.93
C THR A 162 -28.50 -34.02 29.62
N PRO A 163 -27.35 -33.73 30.22
CA PRO A 163 -27.13 -32.41 30.85
C PRO A 163 -26.72 -31.33 29.86
N LYS A 164 -26.63 -30.11 30.39
CA LYS A 164 -26.00 -28.98 29.69
C LYS A 164 -24.53 -28.81 30.03
N GLN A 165 -24.19 -28.64 31.30
CA GLN A 165 -22.84 -28.25 31.63
C GLN A 165 -21.89 -29.42 31.39
N ILE A 166 -20.59 -29.13 31.48
CA ILE A 166 -19.58 -30.07 31.04
C ILE A 166 -18.52 -30.29 32.10
N ASP A 167 -18.44 -29.44 33.12
CA ASP A 167 -17.45 -29.61 34.17
C ASP A 167 -17.66 -30.95 34.88
N ARG A 168 -16.56 -31.69 35.05
CA ARG A 168 -16.66 -33.04 35.61
C ARG A 168 -17.15 -33.00 37.06
N ALA A 169 -16.64 -32.06 37.86
CA ALA A 169 -16.97 -31.96 39.27
C ALA A 169 -18.44 -31.67 39.55
N GLY A 170 -19.01 -30.63 38.95
CA GLY A 170 -20.42 -30.36 39.15
C GLY A 170 -21.29 -31.48 38.62
N LEU A 171 -20.95 -32.00 37.44
CA LEU A 171 -21.70 -33.10 36.88
C LEU A 171 -21.53 -34.40 37.65
N GLU A 172 -20.35 -34.67 38.23
CA GLU A 172 -20.25 -35.86 39.05
C GLU A 172 -20.96 -35.72 40.38
N ALA A 173 -21.00 -34.51 40.95
CA ALA A 173 -21.83 -34.28 42.13
C ALA A 173 -23.30 -34.52 41.81
N LEU A 174 -23.76 -34.01 40.67
CA LEU A 174 -25.11 -34.29 40.23
C LEU A 174 -25.30 -35.78 39.93
N ARG A 175 -24.23 -36.47 39.54
CA ARG A 175 -24.30 -37.91 39.33
C ARG A 175 -24.50 -38.66 40.65
N GLN A 176 -23.80 -38.25 41.71
CA GLN A 176 -24.05 -38.84 43.01
C GLN A 176 -25.47 -38.55 43.47
N GLN A 177 -25.95 -37.34 43.22
CA GLN A 177 -27.36 -37.03 43.48
C GLN A 177 -28.30 -37.94 42.71
N LEU A 178 -27.99 -38.20 41.43
CA LEU A 178 -28.77 -39.13 40.63
C LEU A 178 -28.65 -40.55 41.17
N ALA A 179 -27.58 -40.84 41.91
CA ALA A 179 -27.45 -42.09 42.63
C ALA A 179 -28.11 -42.02 44.00
N GLU A 180 -28.70 -40.88 44.35
CA GLU A 180 -29.38 -40.68 45.63
C GLU A 180 -30.86 -40.40 45.42
N LEU A 181 -31.38 -40.79 44.26
CA LEU A 181 -32.78 -40.66 43.91
C LEU A 181 -33.61 -41.70 44.67
N PRO A 182 -34.93 -41.48 44.81
CA PRO A 182 -35.75 -42.37 45.65
C PRO A 182 -35.69 -43.84 45.26
N HIS A 183 -35.63 -44.14 43.96
CA HIS A 183 -35.63 -45.53 43.55
C HIS A 183 -34.44 -45.91 42.68
N VAL A 184 -33.39 -45.10 42.62
CA VAL A 184 -32.20 -45.47 41.88
C VAL A 184 -31.34 -46.38 42.75
N GLN A 185 -30.54 -47.22 42.11
CA GLN A 185 -29.60 -48.06 42.84
C GLN A 185 -28.15 -47.67 42.60
N GLN A 186 -27.72 -47.56 41.36
CA GLN A 186 -26.39 -47.06 41.04
C GLN A 186 -26.48 -46.10 39.86
N ALA A 187 -25.48 -45.23 39.75
CA ALA A 187 -25.41 -44.23 38.69
C ALA A 187 -24.21 -44.54 37.81
N GLN A 188 -24.45 -45.26 36.71
CA GLN A 188 -23.39 -45.51 35.74
C GLN A 188 -22.85 -44.22 35.17
N LEU A 189 -21.60 -43.94 35.52
CA LEU A 189 -20.86 -42.84 34.92
C LEU A 189 -19.40 -43.27 34.88
N ASP A 190 -18.89 -43.53 33.68
CA ASP A 190 -17.45 -43.68 33.54
C ASP A 190 -16.83 -42.34 33.93
N LEU A 191 -16.28 -42.28 35.15
CA LEU A 191 -15.73 -41.02 35.62
C LEU A 191 -14.65 -40.51 34.69
N VAL A 192 -13.99 -41.42 33.98
CA VAL A 192 -13.03 -41.02 32.96
C VAL A 192 -13.75 -40.43 31.75
N TRP A 193 -14.95 -40.94 31.41
CA TRP A 193 -15.76 -40.32 30.32
C TRP A 193 -16.14 -38.88 30.65
N VAL A 194 -16.62 -38.63 31.87
CA VAL A 194 -17.11 -37.29 32.17
C VAL A 194 -15.96 -36.29 32.23
N GLU A 195 -14.83 -36.68 32.82
CA GLU A 195 -13.71 -35.76 32.88
C GLU A 195 -13.09 -35.55 31.50
N ARG A 196 -13.07 -36.59 30.68
CA ARG A 196 -12.63 -36.44 29.29
C ARG A 196 -13.52 -35.45 28.56
N LEU A 197 -14.83 -35.58 28.75
CA LEU A 197 -15.77 -34.63 28.17
C LEU A 197 -15.49 -33.22 28.65
N SER A 198 -15.23 -33.06 29.94
CA SER A 198 -14.92 -31.74 30.49
C SER A 198 -13.69 -31.16 29.81
N ALA A 199 -12.65 -31.97 29.64
CA ALA A 199 -11.44 -31.47 28.99
C ALA A 199 -11.71 -31.14 27.53
N ILE A 200 -12.63 -31.85 26.90
CA ILE A 200 -12.90 -31.65 25.48
C ILE A 200 -13.33 -30.22 25.19
N LEU A 201 -14.17 -29.65 26.07
CA LEU A 201 -14.57 -28.26 25.85
C LEU A 201 -13.38 -27.32 25.92
N LYS A 202 -12.49 -27.54 26.89
CA LYS A 202 -11.50 -26.51 27.24
C LYS A 202 -10.58 -26.20 26.07
N LEU A 203 -9.97 -27.23 25.48
CA LEU A 203 -9.06 -26.97 24.37
C LEU A 203 -9.80 -26.36 23.20
N GLY A 204 -11.01 -26.83 22.94
CA GLY A 204 -11.78 -26.28 21.83
C GLY A 204 -12.10 -24.80 22.03
N GLU A 205 -12.56 -24.43 23.22
CA GLU A 205 -12.94 -23.04 23.44
C GLU A 205 -11.70 -22.14 23.44
N ARG A 206 -10.60 -22.60 24.04
CA ARG A 206 -9.37 -21.81 23.97
C ARG A 206 -8.91 -21.66 22.53
N PHE A 207 -9.02 -22.74 21.75
CA PHE A 207 -8.58 -22.73 20.36
C PHE A 207 -9.38 -21.73 19.54
N VAL A 208 -10.70 -21.76 19.67
CA VAL A 208 -11.53 -20.85 18.88
C VAL A 208 -11.33 -19.41 19.35
N PHE A 209 -11.18 -19.22 20.66
CA PHE A 209 -10.93 -17.88 21.17
C PHE A 209 -9.64 -17.31 20.59
N GLY A 210 -8.58 -18.12 20.58
CA GLY A 210 -7.32 -17.68 20.02
C GLY A 210 -7.41 -17.38 18.53
N LEU A 211 -8.07 -18.25 17.78
CA LEU A 211 -8.19 -18.01 16.35
C LEU A 211 -8.94 -16.71 16.08
N THR A 212 -10.06 -16.50 16.79
CA THR A 212 -10.83 -15.28 16.57
C THR A 212 -10.00 -14.05 16.90
N ILE A 213 -9.34 -14.05 18.05
CA ILE A 213 -8.61 -12.85 18.47
C ILE A 213 -7.44 -12.60 17.52
N LEU A 214 -6.85 -13.66 16.97
CA LEU A 214 -5.80 -13.46 15.98
C LEU A 214 -6.36 -12.86 14.70
N LEU A 215 -7.41 -13.44 14.15
CA LEU A 215 -7.85 -13.08 12.81
C LEU A 215 -8.45 -11.68 12.77
N VAL A 216 -9.18 -11.30 13.82
CA VAL A 216 -9.80 -9.98 13.80
C VAL A 216 -8.72 -8.89 13.72
N LEU A 217 -7.65 -9.02 14.51
CA LEU A 217 -6.61 -8.01 14.46
C LEU A 217 -5.82 -8.10 13.17
N THR A 218 -5.65 -9.30 12.61
CA THR A 218 -5.01 -9.41 11.32
C THR A 218 -5.76 -8.60 10.27
N LEU A 219 -7.08 -8.75 10.26
CA LEU A 219 -7.90 -7.98 9.33
C LEU A 219 -7.76 -6.49 9.57
N LEU A 220 -7.83 -6.07 10.83
CA LEU A 220 -7.70 -4.65 11.14
C LEU A 220 -6.39 -4.11 10.59
N LEU A 221 -5.29 -4.81 10.84
CA LEU A 221 -3.99 -4.34 10.41
C LEU A 221 -3.90 -4.24 8.90
N VAL A 222 -4.39 -5.26 8.18
CA VAL A 222 -4.22 -5.21 6.74
C VAL A 222 -5.03 -4.07 6.14
N VAL A 223 -6.29 -3.90 6.58
CA VAL A 223 -7.10 -2.84 5.98
C VAL A 223 -6.52 -1.47 6.32
N GLY A 224 -6.11 -1.27 7.57
CA GLY A 224 -5.54 0.02 7.94
C GLY A 224 -4.29 0.33 7.16
N ASN A 225 -3.41 -0.67 7.00
CA ASN A 225 -2.16 -0.44 6.31
C ASN A 225 -2.37 -0.10 4.84
N THR A 226 -3.28 -0.81 4.18
CA THR A 226 -3.52 -0.51 2.76
C THR A 226 -4.11 0.88 2.58
N ILE A 227 -5.08 1.24 3.43
CA ILE A 227 -5.66 2.58 3.31
C ILE A 227 -4.59 3.62 3.56
N ARG A 228 -3.75 3.42 4.57
CA ARG A 228 -2.68 4.36 4.86
C ARG A 228 -1.74 4.49 3.67
N LEU A 229 -1.49 3.39 2.97
CA LEU A 229 -0.57 3.45 1.85
C LEU A 229 -1.14 4.24 0.67
N HIS A 230 -2.42 4.03 0.34
CA HIS A 230 -3.02 4.91 -0.65
C HIS A 230 -2.97 6.37 -0.22
N ILE A 231 -3.26 6.64 1.05
CA ILE A 231 -3.26 8.03 1.49
C ILE A 231 -1.85 8.63 1.42
N GLU A 232 -0.83 7.83 1.73
CA GLU A 232 0.54 8.30 1.58
C GLU A 232 0.84 8.63 0.12
N ASN A 233 0.31 7.83 -0.79
CA ASN A 233 0.35 8.26 -2.17
C ASN A 233 -0.51 9.51 -2.33
N ARG A 234 -0.13 10.34 -3.29
CA ARG A 234 -0.89 11.54 -3.64
C ARG A 234 -0.93 12.55 -2.50
N ARG A 235 0.22 13.08 -2.10
CA ARG A 235 0.25 14.12 -1.07
C ARG A 235 0.18 15.51 -1.70
N ASN A 236 0.63 15.64 -2.95
CA ASN A 236 0.89 16.96 -3.50
C ASN A 236 -0.37 17.79 -3.53
N GLU A 237 -1.50 17.21 -3.92
CA GLU A 237 -2.75 17.97 -3.93
C GLU A 237 -3.09 18.40 -2.52
N ILE A 238 -2.79 17.55 -1.52
CA ILE A 238 -3.11 17.92 -0.15
C ILE A 238 -2.43 19.22 0.20
N GLU A 239 -1.12 19.33 -0.05
CA GLU A 239 -0.50 20.60 0.31
C GLU A 239 -0.95 21.71 -0.63
N VAL A 240 -1.33 21.38 -1.86
CA VAL A 240 -1.75 22.43 -2.79
C VAL A 240 -3.01 23.12 -2.28
N ILE A 241 -4.04 22.35 -1.94
CA ILE A 241 -5.23 22.96 -1.37
C ILE A 241 -4.92 23.60 -0.03
N LYS A 242 -4.09 22.97 0.79
CA LYS A 242 -3.84 23.55 2.11
C LYS A 242 -3.21 24.93 2.00
N LEU A 243 -2.23 25.10 1.10
CA LEU A 243 -1.62 26.41 0.95
C LEU A 243 -2.60 27.39 0.31
N VAL A 244 -3.55 26.89 -0.48
CA VAL A 244 -4.60 27.75 -0.99
C VAL A 244 -5.53 28.17 0.12
N GLY A 245 -5.91 27.24 0.97
CA GLY A 245 -6.81 27.50 2.06
C GLY A 245 -7.72 26.31 2.30
N GLY A 246 -8.99 26.59 2.52
CA GLY A 246 -9.98 25.54 2.70
C GLY A 246 -9.92 24.84 4.04
N THR A 247 -11.04 24.31 4.49
CA THR A 247 -11.11 23.67 5.79
C THR A 247 -10.63 22.21 5.70
N ASP A 248 -10.56 21.59 6.87
CA ASP A 248 -10.17 20.19 6.94
C ASP A 248 -11.17 19.29 6.24
N GLY A 249 -12.46 19.53 6.46
CA GLY A 249 -13.47 18.68 5.85
C GLY A 249 -13.43 18.71 4.34
N TYR A 250 -13.21 19.90 3.77
CA TYR A 250 -13.13 20.03 2.32
C TYR A 250 -11.97 19.22 1.78
N VAL A 251 -10.79 19.32 2.40
CA VAL A 251 -9.65 18.58 1.91
C VAL A 251 -9.75 17.12 2.25
N ARG A 252 -10.68 16.75 3.13
CA ARG A 252 -10.74 15.40 3.64
C ARG A 252 -11.74 14.52 2.90
N ARG A 253 -12.90 15.07 2.53
CA ARG A 253 -14.02 14.24 2.09
C ARG A 253 -13.70 13.25 0.97
N PRO A 254 -13.01 13.64 -0.12
CA PRO A 254 -12.86 12.68 -1.24
C PRO A 254 -12.21 11.38 -0.84
N PHE A 255 -11.21 11.43 0.04
CA PHE A 255 -10.57 10.20 0.48
C PHE A 255 -11.53 9.34 1.30
N LEU A 256 -12.40 9.98 2.09
CA LEU A 256 -13.39 9.22 2.84
C LEU A 256 -14.34 8.49 1.89
N TYR A 257 -14.78 9.18 0.84
CA TYR A 257 -15.65 8.51 -0.12
C TYR A 257 -14.92 7.37 -0.82
N MET A 258 -13.64 7.59 -1.15
CA MET A 258 -12.84 6.53 -1.77
C MET A 258 -12.76 5.30 -0.87
N GLY A 259 -12.47 5.51 0.41
CA GLY A 259 -12.41 4.39 1.32
C GLY A 259 -13.74 3.69 1.47
N ALA A 260 -14.83 4.46 1.51
CA ALA A 260 -16.15 3.85 1.62
C ALA A 260 -16.44 2.95 0.43
N LEU A 261 -16.15 3.44 -0.78
CA LEU A 261 -16.43 2.62 -1.96
C LEU A 261 -15.55 1.38 -2.01
N TYR A 262 -14.26 1.50 -1.62
CA TYR A 262 -13.44 0.30 -1.54
C TYR A 262 -14.05 -0.71 -0.56
N GLY A 263 -14.49 -0.23 0.60
CA GLY A 263 -15.10 -1.15 1.56
C GLY A 263 -16.32 -1.84 1.01
N LEU A 264 -17.17 -1.09 0.32
CA LEU A 264 -18.38 -1.67 -0.25
C LEU A 264 -18.03 -2.76 -1.26
N GLY A 265 -17.11 -2.47 -2.18
CA GLY A 265 -16.74 -3.45 -3.17
C GLY A 265 -16.16 -4.71 -2.55
N ALA A 266 -15.26 -4.54 -1.59
CA ALA A 266 -14.66 -5.70 -0.94
C ALA A 266 -15.73 -6.52 -0.23
N GLY A 267 -16.68 -5.86 0.42
CA GLY A 267 -17.73 -6.59 1.11
C GLY A 267 -18.58 -7.42 0.17
N ILE A 268 -18.96 -6.83 -0.96
CA ILE A 268 -19.77 -7.57 -1.92
C ILE A 268 -19.00 -8.77 -2.44
N LEU A 269 -17.73 -8.57 -2.80
CA LEU A 269 -16.96 -9.67 -3.35
C LEU A 269 -16.78 -10.78 -2.33
N SER A 270 -16.53 -10.43 -1.08
CA SER A 270 -16.42 -11.42 -0.02
C SER A 270 -17.71 -12.21 0.15
N TRP A 271 -18.84 -11.50 0.12
CA TRP A 271 -20.14 -12.18 0.22
C TRP A 271 -20.27 -13.24 -0.86
N ALA A 272 -19.97 -12.86 -2.11
CA ALA A 272 -20.10 -13.80 -3.20
C ALA A 272 -19.17 -14.99 -3.04
N LEU A 273 -17.90 -14.74 -2.70
CA LEU A 273 -16.94 -15.82 -2.55
C LEU A 273 -17.35 -16.77 -1.44
N LEU A 274 -17.84 -16.23 -0.33
CA LEU A 274 -18.25 -17.09 0.76
C LEU A 274 -19.41 -17.98 0.35
N ALA A 275 -20.39 -17.41 -0.35
CA ALA A 275 -21.51 -18.22 -0.82
C ALA A 275 -21.03 -19.35 -1.72
N TYR A 276 -20.14 -19.03 -2.66
CA TYR A 276 -19.63 -20.04 -3.56
C TYR A 276 -18.89 -21.14 -2.81
N SER A 277 -18.05 -20.76 -1.83
CA SER A 277 -17.29 -21.75 -1.10
C SER A 277 -18.20 -22.66 -0.30
N LEU A 278 -19.23 -22.09 0.32
CA LEU A 278 -20.17 -22.91 1.08
C LEU A 278 -20.87 -23.90 0.17
N ASN A 279 -21.33 -23.44 -1.00
CA ASN A 279 -21.97 -24.36 -1.93
C ASN A 279 -21.02 -25.45 -2.40
N TRP A 280 -19.76 -25.11 -2.67
CA TRP A 280 -18.80 -26.11 -3.10
C TRP A 280 -18.56 -27.16 -2.02
N LEU A 281 -18.40 -26.71 -0.77
CA LEU A 281 -18.20 -27.65 0.32
C LEU A 281 -19.43 -28.52 0.55
N ASN A 282 -20.61 -28.01 0.22
CA ASN A 282 -21.86 -28.73 0.45
C ASN A 282 -21.90 -30.12 -0.17
N GLY A 283 -20.96 -30.45 -1.05
CA GLY A 283 -20.98 -31.76 -1.69
C GLY A 283 -20.88 -32.90 -0.71
N SER A 284 -20.11 -32.74 0.36
CA SER A 284 -19.86 -33.83 1.30
C SER A 284 -20.75 -33.80 2.53
N VAL A 285 -21.33 -32.65 2.88
CA VAL A 285 -22.15 -32.59 4.09
C VAL A 285 -23.37 -33.47 3.97
N VAL A 286 -23.99 -33.52 2.80
CA VAL A 286 -25.17 -34.36 2.62
C VAL A 286 -24.80 -35.84 2.64
N ASN A 287 -23.56 -36.18 2.31
CA ASN A 287 -23.17 -37.58 2.32
C ASN A 287 -23.29 -38.18 3.72
N LEU A 288 -22.75 -37.48 4.72
CA LEU A 288 -22.90 -37.97 6.09
C LEU A 288 -24.36 -37.92 6.54
N SER A 289 -25.09 -36.89 6.12
CA SER A 289 -26.50 -36.81 6.49
C SER A 289 -27.27 -38.02 6.01
N GLY A 290 -27.01 -38.44 4.77
CA GLY A 290 -27.62 -39.66 4.28
C GLY A 290 -27.12 -40.91 4.98
N LEU A 291 -25.80 -41.02 5.15
CA LEU A 291 -25.23 -42.26 5.69
C LEU A 291 -25.68 -42.49 7.13
N TYR A 292 -25.49 -41.51 8.00
CA TYR A 292 -25.98 -41.62 9.36
C TYR A 292 -27.50 -41.57 9.41
N GLY A 293 -28.11 -40.73 8.59
CA GLY A 293 -29.55 -40.53 8.61
C GLY A 293 -29.86 -39.30 9.43
N SER A 294 -30.04 -38.17 8.76
CA SER A 294 -30.27 -36.90 9.43
C SER A 294 -30.72 -35.88 8.40
N ASP A 295 -30.89 -34.63 8.84
CA ASP A 295 -31.45 -33.57 8.02
C ASP A 295 -30.65 -32.28 8.19
N PHE A 296 -29.32 -32.40 8.18
CA PHE A 296 -28.46 -31.24 8.30
C PHE A 296 -27.85 -30.93 6.94
N GLY A 297 -27.94 -29.66 6.55
CA GLY A 297 -27.33 -29.19 5.32
C GLY A 297 -26.90 -27.75 5.52
N LEU A 298 -25.72 -27.44 5.03
CA LEU A 298 -25.09 -26.15 5.29
C LEU A 298 -25.80 -25.08 4.47
N GLN A 299 -26.77 -24.41 5.08
CA GLN A 299 -27.34 -23.23 4.44
C GLN A 299 -26.29 -22.12 4.41
N GLY A 300 -26.45 -21.21 3.45
CA GLY A 300 -25.43 -20.20 3.24
C GLY A 300 -25.99 -18.80 3.14
N VAL A 301 -25.12 -17.84 3.46
CA VAL A 301 -25.28 -16.41 3.26
C VAL A 301 -26.72 -15.93 3.47
N PRO A 302 -27.25 -15.97 4.70
CA PRO A 302 -28.52 -15.29 4.95
C PRO A 302 -28.37 -13.79 4.70
N LEU A 303 -29.47 -13.17 4.26
CA LEU A 303 -29.43 -11.80 3.77
C LEU A 303 -28.95 -10.82 4.83
N ASP A 304 -29.46 -10.95 6.06
CA ASP A 304 -29.13 -9.99 7.11
C ASP A 304 -27.64 -9.97 7.39
N ASP A 305 -27.02 -11.15 7.43
CA ASP A 305 -25.59 -11.21 7.71
C ASP A 305 -24.76 -10.61 6.59
N GLY A 306 -25.16 -10.80 5.33
CA GLY A 306 -24.47 -10.13 4.25
C GLY A 306 -24.57 -8.62 4.34
N LEU A 307 -25.75 -8.13 4.68
CA LEU A 307 -25.91 -6.70 4.89
C LEU A 307 -24.98 -6.19 5.99
N SER A 308 -24.92 -6.91 7.11
CA SER A 308 -24.03 -6.52 8.19
C SER A 308 -22.57 -6.55 7.75
N LEU A 309 -22.19 -7.56 6.98
CA LEU A 309 -20.83 -7.66 6.49
C LEU A 309 -20.45 -6.44 5.68
N THR A 310 -21.30 -6.08 4.72
CA THR A 310 -20.98 -4.93 3.88
C THR A 310 -20.93 -3.64 4.67
N VAL A 311 -21.88 -3.44 5.60
CA VAL A 311 -21.87 -2.19 6.35
C VAL A 311 -20.62 -2.10 7.23
N GLY A 312 -20.21 -3.23 7.81
CA GLY A 312 -18.96 -3.21 8.55
C GLY A 312 -17.77 -2.87 7.67
N ALA A 313 -17.74 -3.42 6.46
CA ALA A 313 -16.63 -3.13 5.56
C ALA A 313 -16.55 -1.64 5.25
N VAL A 314 -17.68 -1.03 4.93
CA VAL A 314 -17.65 0.39 4.58
C VAL A 314 -17.27 1.24 5.79
N LEU A 315 -17.71 0.82 6.99
CA LEU A 315 -17.32 1.56 8.18
C LEU A 315 -15.82 1.49 8.39
N LEU A 316 -15.23 0.32 8.18
CA LEU A 316 -13.78 0.20 8.31
C LEU A 316 -13.07 1.08 7.31
N GLY A 317 -13.54 1.11 6.06
CA GLY A 317 -12.94 2.01 5.10
C GLY A 317 -12.98 3.45 5.54
N TRP A 318 -14.13 3.89 6.03
CA TRP A 318 -14.28 5.26 6.55
C TRP A 318 -13.24 5.56 7.61
N VAL A 319 -13.17 4.72 8.64
CA VAL A 319 -12.31 5.04 9.77
C VAL A 319 -10.84 4.97 9.37
N GLY A 320 -10.47 4.00 8.53
CA GLY A 320 -9.10 3.91 8.08
C GLY A 320 -8.67 5.14 7.31
N ALA A 321 -9.56 5.62 6.43
CA ALA A 321 -9.24 6.84 5.70
C ALA A 321 -9.05 8.02 6.65
N TRP A 322 -9.93 8.15 7.63
CA TRP A 322 -9.83 9.28 8.55
C TRP A 322 -8.50 9.26 9.29
N LEU A 323 -8.14 8.08 9.83
CA LEU A 323 -6.89 7.98 10.56
C LEU A 323 -5.70 8.25 9.65
N ALA A 324 -5.72 7.72 8.42
CA ALA A 324 -4.59 7.91 7.53
C ALA A 324 -4.40 9.38 7.18
N VAL A 325 -5.48 10.09 6.90
CA VAL A 325 -5.34 11.50 6.53
C VAL A 325 -4.91 12.32 7.74
N ALA A 326 -5.31 11.92 8.94
CA ALA A 326 -4.91 12.66 10.13
C ALA A 326 -3.39 12.75 10.25
N ARG A 327 -2.68 11.70 9.86
CA ARG A 327 -1.23 11.71 9.99
C ARG A 327 -0.61 12.81 9.14
N HIS A 328 -0.97 12.87 7.87
CA HIS A 328 -0.42 13.91 7.01
C HIS A 328 -0.84 15.29 7.46
N LEU A 329 -2.10 15.45 7.87
CA LEU A 329 -2.55 16.77 8.28
C LEU A 329 -1.77 17.26 9.50
N ARG A 330 -1.49 16.36 10.44
CA ARG A 330 -0.60 16.70 11.54
C ARG A 330 0.80 17.00 11.05
N GLU A 331 1.28 16.23 10.06
CA GLU A 331 2.64 16.39 9.57
C GLU A 331 2.87 17.76 8.96
N LEU A 332 1.87 18.33 8.29
CA LEU A 332 2.05 19.56 7.55
C LEU A 332 1.60 20.78 8.34
N ALA A 333 1.83 20.78 9.65
CA ALA A 333 1.47 21.92 10.47
C ALA A 333 2.74 22.63 10.91
N PRO A 334 3.08 23.78 10.32
CA PRO A 334 4.25 24.53 10.79
C PRO A 334 4.02 25.17 12.15
N ARG A 335 2.94 25.92 12.30
CA ARG A 335 2.62 26.56 13.56
C ARG A 335 1.94 25.58 14.51
N MET B 1 -2.60 47.73 5.89
CA MET B 1 -1.36 48.36 6.34
C MET B 1 -0.33 47.30 6.69
N ILE B 2 0.62 47.07 5.78
CA ILE B 2 1.68 46.09 6.01
C ILE B 2 2.84 46.79 6.70
N ARG B 3 3.33 46.19 7.78
CA ARG B 3 4.39 46.81 8.57
C ARG B 3 5.28 45.73 9.17
N PHE B 4 6.58 45.81 8.91
CA PHE B 4 7.55 44.90 9.50
C PHE B 4 8.41 45.67 10.50
N GLU B 5 8.51 45.14 11.70
CA GLU B 5 9.47 45.57 12.70
C GLU B 5 10.63 44.58 12.71
N GLN B 6 11.56 44.76 13.64
CA GLN B 6 12.77 43.96 13.63
C GLN B 6 12.46 42.48 13.78
N VAL B 7 12.74 41.72 12.74
CA VAL B 7 12.45 40.29 12.72
C VAL B 7 13.39 39.62 11.74
N GLY B 8 13.82 38.40 12.08
CA GLY B 8 14.70 37.64 11.23
C GLY B 8 14.45 36.16 11.38
N LYS B 9 15.02 35.39 10.46
CA LYS B 9 14.83 33.95 10.43
C LYS B 9 16.15 33.23 10.70
N ARG B 10 16.12 32.32 11.66
CA ARG B 10 17.22 31.39 11.91
C ARG B 10 16.74 29.99 11.60
N TYR B 11 17.50 29.29 10.84
CA TYR B 11 17.02 27.96 10.53
C TYR B 11 17.57 26.94 11.51
N PRO B 12 16.78 25.91 11.84
CA PRO B 12 17.23 24.91 12.81
C PRO B 12 18.48 24.19 12.39
N ASN B 13 18.75 24.10 11.09
CA ASN B 13 19.98 23.51 10.61
C ASN B 13 21.20 24.34 10.98
N GLY B 14 21.03 25.44 11.69
CA GLY B 14 22.10 26.33 12.05
C GLY B 14 22.33 27.44 11.05
N HIS B 15 21.83 27.29 9.84
CA HIS B 15 21.96 28.34 8.84
C HIS B 15 21.01 29.49 9.15
N VAL B 16 21.40 30.68 8.74
CA VAL B 16 20.62 31.88 9.01
C VAL B 16 19.79 32.21 7.77
N GLY B 17 18.47 32.02 7.88
CA GLY B 17 17.60 32.40 6.78
C GLY B 17 17.55 33.90 6.57
N LEU B 18 17.41 34.66 7.65
CA LEU B 18 17.27 36.10 7.55
C LEU B 18 17.76 36.73 8.85
N HIS B 19 18.58 37.76 8.75
CA HIS B 19 19.14 38.38 9.95
C HIS B 19 18.09 39.21 10.67
N GLU B 20 17.63 40.28 10.04
CA GLU B 20 16.68 41.19 10.65
C GLU B 20 16.21 42.18 9.60
N VAL B 21 14.94 42.57 9.69
CA VAL B 21 14.34 43.50 8.73
C VAL B 21 13.36 44.37 9.48
N SER B 22 12.93 45.46 8.85
CA SER B 22 11.90 46.33 9.40
C SER B 22 11.30 47.14 8.26
N PHE B 23 10.01 46.94 7.99
CA PHE B 23 9.33 47.48 6.82
C PHE B 23 8.03 48.14 7.21
N ARG B 24 7.43 48.85 6.25
CA ARG B 24 6.07 49.34 6.39
C ARG B 24 5.54 49.63 5.00
N VAL B 25 4.51 48.90 4.59
CA VAL B 25 3.88 49.10 3.30
C VAL B 25 2.48 49.66 3.54
N HIS B 26 2.20 50.83 2.96
CA HIS B 26 0.89 51.42 3.09
C HIS B 26 -0.10 50.71 2.17
N ARG B 27 -1.38 50.88 2.48
CA ARG B 27 -2.44 50.23 1.74
C ARG B 27 -2.49 50.75 0.31
N GLY B 28 -2.69 49.85 -0.64
CA GLY B 28 -2.75 50.20 -2.05
C GLY B 28 -1.42 50.30 -2.75
N GLU B 29 -0.32 50.02 -2.07
CA GLU B 29 1.02 50.20 -2.61
C GLU B 29 1.38 49.08 -3.57
N ILE B 30 2.56 49.19 -4.18
CA ILE B 30 3.12 48.16 -5.04
C ILE B 30 4.61 48.06 -4.78
N LEU B 31 5.12 46.83 -4.77
CA LEU B 31 6.52 46.57 -4.47
C LEU B 31 7.12 45.66 -5.53
N PHE B 32 8.40 45.87 -5.83
CA PHE B 32 9.13 45.11 -6.84
C PHE B 32 10.45 44.61 -6.27
N VAL B 33 10.39 43.97 -5.10
CA VAL B 33 11.60 43.57 -4.40
C VAL B 33 12.45 42.65 -5.28
N THR B 34 13.76 42.83 -5.20
CA THR B 34 14.70 42.05 -5.99
C THR B 34 15.98 41.87 -5.19
N GLY B 35 16.87 41.04 -5.73
CA GLY B 35 18.14 40.80 -5.08
C GLY B 35 18.96 39.81 -5.87
N HIS B 36 20.06 39.37 -5.26
CA HIS B 36 20.94 38.40 -5.89
C HIS B 36 20.36 37.00 -5.70
N SER B 37 21.15 35.97 -6.04
CA SER B 37 20.65 34.61 -5.99
C SER B 37 20.41 34.15 -4.56
N GLY B 38 21.37 34.37 -3.68
CA GLY B 38 21.28 33.86 -2.33
C GLY B 38 20.35 34.63 -1.41
N ALA B 39 19.83 35.77 -1.86
CA ALA B 39 18.93 36.54 -1.02
C ALA B 39 17.67 35.74 -0.71
N GLY B 40 17.22 35.84 0.53
CA GLY B 40 16.09 35.03 0.99
C GLY B 40 14.74 35.56 0.56
N LYS B 41 14.62 35.94 -0.71
CA LYS B 41 13.39 36.54 -1.19
C LYS B 41 12.21 35.58 -1.06
N SER B 42 12.37 34.36 -1.57
CA SER B 42 11.27 33.41 -1.52
C SER B 42 10.93 33.09 -0.07
N THR B 43 11.94 32.93 0.77
CA THR B 43 11.66 32.75 2.19
C THR B 43 10.95 33.96 2.76
N LEU B 44 11.38 35.16 2.35
CA LEU B 44 10.71 36.36 2.83
C LEU B 44 9.22 36.31 2.53
N LEU B 45 8.86 36.05 1.28
CA LEU B 45 7.45 36.01 0.93
C LEU B 45 6.72 34.88 1.64
N ARG B 46 7.37 33.71 1.76
CA ARG B 46 6.76 32.61 2.48
C ARG B 46 6.47 32.99 3.92
N LEU B 47 7.24 33.92 4.47
CA LEU B 47 6.97 34.39 5.83
C LEU B 47 5.61 35.03 5.92
N ILE B 48 5.22 35.83 4.92
CA ILE B 48 3.89 36.44 4.93
C ILE B 48 2.82 35.37 4.89
N LEU B 49 3.07 34.28 4.17
CA LEU B 49 2.11 33.20 4.08
C LEU B 49 1.86 32.53 5.42
N ALA B 50 2.69 32.81 6.42
CA ALA B 50 2.63 32.22 7.76
C ALA B 50 2.87 30.72 7.73
N MET B 51 3.35 30.19 6.61
CA MET B 51 3.74 28.80 6.54
C MET B 51 5.10 28.56 7.16
N GLU B 52 5.73 29.61 7.66
CA GLU B 52 7.01 29.51 8.35
C GLU B 52 6.92 30.26 9.67
N ARG B 53 7.65 29.78 10.64
CA ARG B 53 7.64 30.40 11.96
C ARG B 53 8.47 31.68 11.93
N PRO B 54 8.03 32.75 12.60
CA PRO B 54 8.77 34.02 12.54
C PRO B 54 10.20 33.92 13.05
N THR B 55 10.47 33.04 14.00
CA THR B 55 11.80 32.86 14.60
C THR B 55 12.20 34.17 15.28
N SER B 56 13.34 34.77 14.96
CA SER B 56 13.85 35.91 15.70
C SER B 56 13.09 37.17 15.29
N GLY B 57 12.31 37.71 16.21
CA GLY B 57 11.55 38.91 15.96
C GLY B 57 10.07 38.62 15.92
N LYS B 58 9.30 39.67 15.59
CA LYS B 58 7.86 39.56 15.49
C LYS B 58 7.39 40.31 14.25
N LEU B 59 6.26 39.90 13.70
CA LEU B 59 5.71 40.46 12.48
C LEU B 59 4.21 40.64 12.61
N LEU B 60 3.67 41.66 11.95
CA LEU B 60 2.29 42.08 12.11
C LEU B 60 1.59 42.10 10.76
N LEU B 61 0.29 41.79 10.75
CA LEU B 61 -0.56 41.93 9.58
C LEU B 61 -1.68 42.91 9.92
N GLY B 62 -1.40 44.20 9.80
CA GLY B 62 -2.43 45.19 10.06
C GLY B 62 -2.92 45.10 11.49
N GLY B 63 -4.14 44.58 11.66
CA GLY B 63 -4.75 44.49 12.97
C GLY B 63 -4.38 43.26 13.78
N GLN B 64 -3.74 42.27 13.17
CA GLN B 64 -3.37 41.05 13.87
C GLN B 64 -1.98 40.60 13.43
N ASP B 65 -1.19 40.13 14.38
CA ASP B 65 0.19 39.75 14.13
C ASP B 65 0.28 38.34 13.54
N LEU B 66 1.43 38.04 12.94
CA LEU B 66 1.70 36.71 12.41
C LEU B 66 2.43 35.89 13.46
N GLY B 67 1.63 35.35 14.37
CA GLY B 67 2.14 34.55 15.46
C GLY B 67 1.00 34.23 16.41
N ARG B 68 1.24 33.23 17.26
CA ARG B 68 0.26 32.72 18.22
C ARG B 68 -1.14 32.69 17.60
N ILE B 69 -1.22 32.25 16.35
CA ILE B 69 -2.44 32.31 15.56
C ILE B 69 -3.03 30.92 15.45
N THR B 70 -4.35 30.83 15.51
CA THR B 70 -5.03 29.55 15.38
C THR B 70 -4.73 28.94 14.03
N THR B 71 -4.37 27.66 14.04
CA THR B 71 -4.22 26.93 12.78
C THR B 71 -5.54 26.87 12.03
N ALA B 72 -6.65 26.70 12.76
CA ALA B 72 -7.96 26.75 12.12
C ALA B 72 -8.23 28.12 11.52
N GLN B 73 -7.61 29.17 12.06
CA GLN B 73 -7.79 30.50 11.50
C GLN B 73 -7.03 30.67 10.18
N ILE B 74 -6.01 29.84 9.94
CA ILE B 74 -5.16 30.04 8.78
C ILE B 74 -5.92 29.97 7.45
N PRO B 75 -6.78 28.97 7.21
CA PRO B 75 -7.46 28.91 5.91
C PRO B 75 -8.26 30.15 5.58
N PHE B 76 -8.86 30.78 6.59
CA PHE B 76 -9.60 32.02 6.33
C PHE B 76 -8.67 33.08 5.76
N LEU B 77 -7.47 33.20 6.33
CA LEU B 77 -6.52 34.20 5.83
C LEU B 77 -6.02 33.82 4.44
N ARG B 78 -5.69 32.54 4.25
CA ARG B 78 -5.25 32.09 2.93
C ARG B 78 -6.33 32.28 1.87
N ARG B 79 -7.60 32.34 2.30
CA ARG B 79 -8.68 32.56 1.35
C ARG B 79 -8.57 33.91 0.67
N GLN B 80 -7.95 34.88 1.34
CA GLN B 80 -7.90 36.24 0.82
C GLN B 80 -6.69 36.51 -0.06
N ILE B 81 -5.84 35.51 -0.30
CA ILE B 81 -4.64 35.67 -1.11
C ILE B 81 -4.67 34.72 -2.29
N GLY B 82 -4.49 35.27 -3.48
CA GLY B 82 -4.27 34.49 -4.68
C GLY B 82 -2.81 34.42 -5.05
N VAL B 83 -2.00 33.78 -4.23
CA VAL B 83 -0.56 33.75 -4.47
C VAL B 83 -0.25 32.74 -5.57
N VAL B 84 0.86 32.98 -6.26
CA VAL B 84 1.43 32.02 -7.20
C VAL B 84 2.83 31.69 -6.71
N PHE B 85 3.30 30.50 -7.05
CA PHE B 85 4.59 30.01 -6.58
C PHE B 85 5.50 29.68 -7.75
N GLN B 86 6.81 29.82 -7.51
CA GLN B 86 7.78 29.64 -8.59
C GLN B 86 7.68 28.26 -9.21
N ASN B 87 7.74 27.22 -8.38
CA ASN B 87 7.41 25.88 -8.84
C ASN B 87 5.89 25.79 -8.83
N HIS B 88 5.30 26.25 -9.92
CA HIS B 88 3.87 26.18 -10.14
C HIS B 88 3.29 24.85 -9.67
N GLN B 89 2.22 24.94 -8.87
CA GLN B 89 1.59 23.77 -8.28
C GLN B 89 0.25 23.54 -8.95
N LEU B 90 0.13 22.45 -9.69
CA LEU B 90 -1.05 22.17 -10.49
C LEU B 90 -1.54 20.76 -10.21
N LEU B 91 -2.86 20.59 -10.18
CA LEU B 91 -3.46 19.29 -9.89
C LEU B 91 -3.43 18.44 -11.15
N THR B 92 -2.51 17.48 -11.19
CA THR B 92 -2.45 16.56 -12.30
C THR B 92 -3.70 15.67 -12.29
N ASP B 93 -4.08 15.20 -13.49
CA ASP B 93 -5.26 14.35 -13.65
C ASP B 93 -6.53 15.09 -13.21
N ARG B 94 -6.53 16.40 -13.40
CA ARG B 94 -7.70 17.22 -13.14
C ARG B 94 -7.68 18.36 -14.14
N THR B 95 -8.83 18.65 -14.75
CA THR B 95 -8.85 19.51 -15.93
C THR B 95 -8.40 20.92 -15.59
N VAL B 96 -7.92 21.62 -16.62
CA VAL B 96 -7.39 22.96 -16.44
C VAL B 96 -8.45 23.91 -15.90
N ALA B 97 -9.66 23.85 -16.48
CA ALA B 97 -10.71 24.76 -16.07
C ALA B 97 -11.04 24.64 -14.59
N ASP B 98 -11.23 23.42 -14.10
CA ASP B 98 -11.46 23.23 -12.68
C ASP B 98 -10.26 23.63 -11.84
N ASN B 99 -9.05 23.38 -12.35
CA ASN B 99 -7.85 23.86 -11.67
C ASN B 99 -7.96 25.35 -11.41
N ILE B 100 -8.43 26.11 -12.41
CA ILE B 100 -8.59 27.54 -12.22
C ILE B 100 -9.74 27.81 -11.26
N ALA B 101 -10.82 27.05 -11.36
CA ALA B 101 -12.02 27.35 -10.59
C ALA B 101 -11.90 27.01 -9.13
N LEU B 102 -10.87 26.26 -8.74
CA LEU B 102 -10.75 25.78 -7.37
C LEU B 102 -11.00 26.83 -6.30
N PRO B 103 -10.37 28.01 -6.32
CA PRO B 103 -10.62 28.98 -5.24
C PRO B 103 -12.07 29.40 -5.14
N LEU B 104 -12.73 29.57 -6.28
CA LEU B 104 -14.14 29.96 -6.24
C LEU B 104 -14.99 28.80 -5.75
N GLN B 105 -14.59 27.57 -6.05
CA GLN B 105 -15.26 26.42 -5.47
C GLN B 105 -15.14 26.43 -3.97
N ILE B 106 -13.97 26.82 -3.46
CA ILE B 106 -13.79 26.94 -2.02
C ILE B 106 -14.78 27.94 -1.45
N LEU B 107 -14.99 29.04 -2.17
CA LEU B 107 -15.90 30.08 -1.71
C LEU B 107 -17.36 29.64 -1.78
N GLY B 108 -17.66 28.51 -2.42
CA GLY B 108 -19.03 28.06 -2.54
C GLY B 108 -19.88 28.99 -3.38
N MET B 109 -19.35 29.40 -4.53
CA MET B 109 -20.20 30.28 -5.32
C MET B 109 -20.94 29.50 -6.40
N PRO B 110 -22.09 30.00 -6.85
CA PRO B 110 -22.93 29.21 -7.77
C PRO B 110 -22.19 28.83 -9.04
N LYS B 111 -22.47 27.62 -9.52
CA LYS B 111 -21.75 27.08 -10.67
C LYS B 111 -21.90 27.92 -11.94
N PRO B 112 -23.10 28.36 -12.34
CA PRO B 112 -23.23 28.97 -13.67
C PRO B 112 -22.31 30.16 -13.90
N GLU B 113 -22.09 30.99 -12.88
CA GLU B 113 -21.17 32.09 -13.04
C GLU B 113 -19.72 31.63 -13.06
N ILE B 114 -19.43 30.43 -12.56
CA ILE B 114 -18.05 29.95 -12.52
C ILE B 114 -17.50 29.82 -13.93
N ALA B 115 -18.29 29.26 -14.85
CA ALA B 115 -17.83 29.08 -16.21
C ALA B 115 -17.54 30.41 -16.90
N LYS B 116 -18.43 31.38 -16.73
CA LYS B 116 -18.19 32.68 -17.33
C LYS B 116 -16.97 33.37 -16.71
N ARG B 117 -16.77 33.21 -15.40
CA ARG B 117 -15.60 33.82 -14.77
C ARG B 117 -14.32 33.20 -15.30
N VAL B 118 -14.29 31.87 -15.41
CA VAL B 118 -13.06 31.22 -15.87
C VAL B 118 -12.80 31.54 -17.34
N ALA B 119 -13.87 31.64 -18.13
CA ALA B 119 -13.68 32.08 -19.51
C ALA B 119 -13.12 33.49 -19.56
N SER B 120 -13.65 34.38 -18.71
CA SER B 120 -13.17 35.76 -18.68
C SER B 120 -11.70 35.81 -18.31
N ALA B 121 -11.27 34.96 -17.38
CA ALA B 121 -9.87 34.94 -17.00
C ALA B 121 -8.98 34.53 -18.17
N LEU B 122 -9.51 33.71 -19.08
CA LEU B 122 -8.68 33.13 -20.14
C LEU B 122 -8.15 34.19 -21.09
N GLU B 123 -8.99 35.15 -21.48
CA GLU B 123 -8.53 36.16 -22.42
C GLU B 123 -7.46 37.03 -21.80
N ARG B 124 -7.63 37.41 -20.53
CA ARG B 124 -6.63 38.25 -19.88
C ARG B 124 -5.27 37.57 -19.87
N VAL B 125 -5.24 36.26 -19.63
CA VAL B 125 -3.99 35.52 -19.65
C VAL B 125 -3.58 35.12 -21.06
N ASN B 126 -4.40 35.43 -22.06
CA ASN B 126 -4.11 35.10 -23.45
C ASN B 126 -3.93 33.58 -23.62
N LEU B 127 -4.99 32.86 -23.28
CA LEU B 127 -5.08 31.43 -23.54
C LEU B 127 -6.51 31.12 -23.97
N LYS B 128 -6.66 30.80 -25.25
CA LYS B 128 -7.93 30.37 -25.80
C LYS B 128 -7.89 28.86 -25.99
N GLU B 129 -9.07 28.24 -25.91
CA GLU B 129 -9.30 26.84 -26.28
C GLU B 129 -8.31 25.87 -25.63
N LYS B 130 -7.55 26.32 -24.64
CA LYS B 130 -6.60 25.44 -23.96
C LYS B 130 -7.15 24.90 -22.66
N GLY B 131 -8.37 25.26 -22.29
CA GLY B 131 -9.00 24.67 -21.13
C GLY B 131 -9.39 23.23 -21.40
N GLU B 132 -10.23 22.71 -20.50
CA GLU B 132 -10.73 21.32 -20.58
C GLU B 132 -9.64 20.35 -21.02
N ALA B 133 -8.44 20.55 -20.51
CA ALA B 133 -7.29 19.75 -20.90
C ALA B 133 -6.51 19.33 -19.66
N LEU B 134 -5.48 18.55 -19.88
CA LEU B 134 -4.79 18.17 -18.66
C LEU B 134 -3.50 18.96 -18.51
N PRO B 135 -3.15 19.31 -17.27
CA PRO B 135 -1.93 20.12 -17.06
C PRO B 135 -0.68 19.48 -17.61
N SER B 136 -0.59 18.15 -17.60
CA SER B 136 0.58 17.48 -18.15
C SER B 136 0.72 17.73 -19.64
N ASP B 137 -0.37 18.11 -20.30
CA ASP B 137 -0.32 18.35 -21.74
C ASP B 137 0.43 19.63 -22.08
N LEU B 138 0.26 20.66 -21.27
CA LEU B 138 0.68 22.00 -21.63
C LEU B 138 2.21 22.13 -21.63
N SER B 139 2.68 23.27 -22.14
CA SER B 139 4.09 23.61 -22.09
C SER B 139 4.37 24.51 -20.89
N THR B 140 5.66 24.72 -20.63
CA THR B 140 6.07 25.38 -19.40
C THR B 140 5.48 26.77 -19.27
N GLY B 141 5.66 27.60 -20.30
CA GLY B 141 5.08 28.94 -20.26
C GLY B 141 3.56 28.89 -20.11
N GLN B 142 2.94 27.93 -20.78
CA GLN B 142 1.51 27.73 -20.61
C GLN B 142 1.16 27.44 -19.16
N GLN B 143 1.96 26.59 -18.51
CA GLN B 143 1.69 26.26 -17.12
C GLN B 143 1.85 27.48 -16.23
N GLN B 144 2.87 28.30 -16.47
CA GLN B 144 3.03 29.51 -15.69
C GLN B 144 1.84 30.43 -15.88
N ARG B 145 1.36 30.54 -17.13
CA ARG B 145 0.15 31.32 -17.39
C ARG B 145 -1.02 30.75 -16.62
N VAL B 146 -1.10 29.42 -16.52
CA VAL B 146 -2.19 28.78 -15.78
C VAL B 146 -2.12 29.17 -14.31
N GLY B 147 -0.92 29.15 -13.73
CA GLY B 147 -0.79 29.59 -12.36
C GLY B 147 -1.21 31.03 -12.19
N ILE B 148 -0.84 31.88 -13.14
CA ILE B 148 -1.26 33.28 -13.07
C ILE B 148 -2.78 33.37 -13.08
N ALA B 149 -3.42 32.61 -13.96
CA ALA B 149 -4.87 32.63 -14.03
C ALA B 149 -5.50 32.17 -12.73
N ARG B 150 -4.96 31.12 -12.12
CA ARG B 150 -5.43 30.71 -10.82
C ARG B 150 -5.29 31.83 -9.81
N ALA B 151 -4.22 32.61 -9.91
CA ALA B 151 -4.02 33.71 -8.99
C ALA B 151 -4.99 34.86 -9.18
N ILE B 152 -5.35 35.17 -10.43
CA ILE B 152 -6.01 36.44 -10.69
C ILE B 152 -7.50 36.37 -10.38
N VAL B 153 -8.07 35.18 -10.32
CA VAL B 153 -9.52 35.02 -10.27
C VAL B 153 -10.06 35.55 -8.95
N HIS B 154 -11.39 35.61 -8.85
CA HIS B 154 -12.12 35.92 -7.62
C HIS B 154 -11.72 37.26 -7.01
N GLN B 155 -11.02 38.10 -7.78
CA GLN B 155 -10.63 39.44 -7.37
C GLN B 155 -9.96 39.40 -5.99
N PRO B 156 -8.75 38.87 -5.88
CA PRO B 156 -8.11 38.81 -4.57
C PRO B 156 -7.83 40.20 -4.03
N ALA B 157 -8.12 40.39 -2.75
CA ALA B 157 -7.79 41.67 -2.11
C ALA B 157 -6.29 41.88 -2.04
N LEU B 158 -5.53 40.81 -1.89
CA LEU B 158 -4.07 40.86 -1.84
C LEU B 158 -3.53 40.03 -2.99
N LEU B 159 -2.43 40.48 -3.58
CA LEU B 159 -1.80 39.75 -4.67
C LEU B 159 -0.33 39.54 -4.37
N LEU B 160 0.07 38.28 -4.35
CA LEU B 160 1.47 37.91 -4.20
C LEU B 160 1.88 37.03 -5.36
N ALA B 161 3.11 37.22 -5.82
CA ALA B 161 3.64 36.46 -6.94
C ALA B 161 5.14 36.35 -6.77
N ASP B 162 5.73 35.40 -7.48
CA ASP B 162 7.16 35.18 -7.39
C ASP B 162 7.74 34.81 -8.75
N GLN B 163 8.66 35.64 -9.22
CA GLN B 163 9.30 35.45 -10.52
C GLN B 163 8.33 35.09 -11.64
N PRO B 164 7.33 35.94 -11.90
CA PRO B 164 6.57 35.77 -13.14
C PRO B 164 7.48 36.01 -14.33
N THR B 165 6.99 35.63 -15.51
CA THR B 165 7.79 35.65 -16.73
C THR B 165 9.06 34.83 -16.58
N GLY B 166 9.00 33.80 -15.74
CA GLY B 166 10.16 32.98 -15.50
C GLY B 166 10.70 32.34 -16.76
N ASN B 167 9.85 32.19 -17.77
CA ASN B 167 10.27 31.66 -19.05
C ASN B 167 9.58 32.34 -20.23
N LEU B 168 8.84 33.42 -19.99
CA LEU B 168 8.05 34.04 -21.04
C LEU B 168 8.93 34.84 -21.98
N ASP B 169 8.41 35.06 -23.19
CA ASP B 169 9.03 36.02 -24.08
C ASP B 169 8.66 37.43 -23.64
N PRO B 170 9.51 38.43 -23.94
CA PRO B 170 9.24 39.78 -23.42
C PRO B 170 7.90 40.32 -23.80
N ARG B 171 7.42 39.99 -25.00
CA ARG B 171 6.11 40.46 -25.44
C ARG B 171 5.04 40.07 -24.45
N LEU B 172 4.86 38.76 -24.25
CA LEU B 172 3.86 38.29 -23.29
C LEU B 172 4.11 38.84 -21.90
N ALA B 173 5.37 39.01 -21.52
CA ALA B 173 5.68 39.60 -20.23
C ALA B 173 5.08 40.99 -20.11
N SER B 174 5.11 41.75 -21.20
CA SER B 174 4.59 43.11 -21.16
C SER B 174 3.10 43.13 -20.84
N GLU B 175 2.31 42.35 -21.57
CA GLU B 175 0.86 42.43 -21.41
C GLU B 175 0.43 41.92 -20.03
N ILE B 176 1.07 40.85 -19.56
CA ILE B 176 0.67 40.30 -18.27
C ILE B 176 0.98 41.30 -17.16
N MET B 177 2.15 41.94 -17.21
CA MET B 177 2.44 42.92 -16.17
C MET B 177 1.53 44.13 -16.31
N GLY B 178 1.10 44.45 -17.53
CA GLY B 178 0.08 45.46 -17.68
C GLY B 178 -1.20 45.07 -16.97
N VAL B 179 -1.55 43.78 -17.04
CA VAL B 179 -2.71 43.29 -16.31
C VAL B 179 -2.50 43.48 -14.82
N PHE B 180 -1.30 43.16 -14.34
CA PHE B 180 -0.99 43.43 -12.92
C PHE B 180 -1.16 44.90 -12.59
N GLU B 181 -0.76 45.77 -13.51
CA GLU B 181 -0.94 47.20 -13.29
C GLU B 181 -2.40 47.56 -13.21
N ASP B 182 -3.24 46.91 -14.02
CA ASP B 182 -4.67 47.14 -13.94
C ASP B 182 -5.21 46.70 -12.58
N ILE B 183 -4.70 45.57 -12.09
CA ILE B 183 -5.09 45.13 -10.76
C ILE B 183 -4.69 46.15 -9.72
N ASN B 184 -3.49 46.72 -9.85
CA ASN B 184 -3.06 47.78 -8.95
C ASN B 184 -3.95 49.00 -9.08
N ARG B 185 -4.43 49.29 -10.28
CA ARG B 185 -5.39 50.37 -10.47
C ARG B 185 -6.65 50.09 -9.66
N LEU B 186 -7.10 48.85 -9.68
CA LEU B 186 -8.13 48.43 -8.74
C LEU B 186 -7.55 48.44 -7.33
N GLY B 187 -8.44 48.42 -6.34
CA GLY B 187 -8.01 48.54 -4.96
C GLY B 187 -7.27 47.32 -4.46
N THR B 188 -6.09 47.07 -5.01
CA THR B 188 -5.26 45.92 -4.66
C THR B 188 -3.82 46.35 -4.46
N THR B 189 -3.01 45.43 -3.96
CA THR B 189 -1.58 45.62 -3.81
C THR B 189 -0.84 44.46 -4.47
N VAL B 190 0.36 44.72 -4.96
CA VAL B 190 1.17 43.71 -5.64
C VAL B 190 2.58 43.77 -5.08
N LEU B 191 3.14 42.59 -4.80
CA LEU B 191 4.51 42.46 -4.32
C LEU B 191 5.28 41.48 -5.19
N ILE B 192 5.23 41.70 -6.51
CA ILE B 192 6.00 40.90 -7.43
C ILE B 192 7.48 40.96 -7.08
N ALA B 193 8.19 39.86 -7.34
CA ALA B 193 9.63 39.76 -7.10
C ALA B 193 10.27 39.09 -8.31
N SER B 194 11.36 39.66 -8.81
CA SER B 194 12.05 39.13 -9.97
C SER B 194 13.51 39.55 -9.96
N HIS B 195 14.34 38.79 -10.68
CA HIS B 195 15.72 39.19 -10.90
C HIS B 195 15.89 40.13 -12.08
N ASP B 196 15.00 40.08 -13.07
CA ASP B 196 15.09 40.94 -14.24
C ASP B 196 14.42 42.27 -13.92
N LEU B 197 15.23 43.30 -13.75
CA LEU B 197 14.75 44.63 -13.43
C LEU B 197 14.75 45.56 -14.62
N ALA B 198 15.35 45.15 -15.74
CA ALA B 198 15.39 46.02 -16.91
C ALA B 198 14.00 46.36 -17.39
N LEU B 199 13.11 45.37 -17.42
CA LEU B 199 11.74 45.64 -17.83
C LEU B 199 11.05 46.57 -16.84
N ILE B 200 11.21 46.33 -15.54
CA ILE B 200 10.45 47.11 -14.58
C ILE B 200 11.03 48.51 -14.47
N ALA B 201 12.32 48.67 -14.75
CA ALA B 201 12.95 49.98 -14.64
C ALA B 201 12.31 51.00 -15.57
N ARG B 202 11.67 50.54 -16.65
CA ARG B 202 11.01 51.47 -17.56
C ARG B 202 9.82 52.13 -16.88
N MET B 203 9.19 51.45 -15.94
CA MET B 203 7.97 51.92 -15.30
C MET B 203 8.22 52.31 -13.85
N ARG B 204 7.48 53.33 -13.40
CA ARG B 204 7.63 53.88 -12.06
C ARG B 204 7.16 52.85 -11.05
N HIS B 205 7.98 52.61 -10.02
CA HIS B 205 7.71 51.60 -9.03
C HIS B 205 8.56 51.89 -7.80
N ARG B 206 8.65 50.91 -6.91
CA ARG B 206 9.41 51.01 -5.68
C ARG B 206 10.29 49.76 -5.57
N MET B 207 11.53 49.86 -6.04
CA MET B 207 12.48 48.75 -6.01
C MET B 207 13.10 48.69 -4.62
N LEU B 208 13.06 47.51 -4.00
CA LEU B 208 13.75 47.24 -2.75
C LEU B 208 14.69 46.07 -2.94
N THR B 209 15.85 46.15 -2.28
CA THR B 209 16.93 45.21 -2.50
C THR B 209 17.45 44.71 -1.16
N LEU B 210 17.80 43.43 -1.10
CA LEU B 210 18.40 42.80 0.06
C LEU B 210 19.60 41.98 -0.39
N GLN B 211 20.51 41.71 0.55
CA GLN B 211 21.69 40.92 0.21
C GLN B 211 22.18 40.19 1.45
N ARG B 212 22.69 38.98 1.24
CA ARG B 212 23.41 38.24 2.28
C ARG B 212 22.56 38.05 3.53
N GLY B 213 21.25 37.90 3.36
CA GLY B 213 20.37 37.81 4.49
C GLY B 213 20.17 39.10 5.24
N ARG B 214 20.74 40.20 4.77
CA ARG B 214 20.56 41.49 5.42
C ARG B 214 19.28 42.14 4.92
N ILE B 215 18.82 43.15 5.67
CA ILE B 215 17.57 43.81 5.33
C ILE B 215 17.67 44.48 3.96
N ILE B 216 18.72 45.26 3.75
CA ILE B 216 18.86 46.04 2.51
C ILE B 216 20.33 46.11 2.12
N ALA B 217 20.66 45.61 0.93
CA ALA B 217 21.84 46.10 0.26
C ALA B 217 21.60 47.46 -0.35
N ASP B 218 20.36 47.70 -0.80
CA ASP B 218 19.95 48.98 -1.34
C ASP B 218 18.61 49.36 -0.74
N ARG B 219 18.35 50.66 -0.74
CA ARG B 219 17.18 51.24 -0.12
C ARG B 219 16.12 51.55 -1.18
N GLU B 220 15.08 52.27 -0.77
CA GLU B 220 14.01 52.63 -1.69
C GLU B 220 14.52 53.59 -2.77
N ASP B 221 14.00 53.42 -3.98
CA ASP B 221 14.33 54.27 -5.12
C ASP B 221 13.08 54.68 -5.87
N GLU B 222 12.08 55.16 -5.16
CA GLU B 222 10.78 55.51 -5.74
C GLU B 222 10.92 56.52 -6.88
N SER C 33 32.99 -4.51 -16.16
CA SER C 33 33.09 -3.73 -14.92
C SER C 33 32.67 -4.57 -13.71
N PHE C 34 33.35 -5.70 -13.53
CA PHE C 34 32.98 -6.61 -12.45
C PHE C 34 33.20 -5.97 -11.09
N SER C 35 34.29 -5.21 -10.93
CA SER C 35 34.52 -4.52 -9.66
C SER C 35 33.37 -3.57 -9.34
N ALA C 36 32.92 -2.80 -10.35
CA ALA C 36 31.76 -1.95 -10.17
C ALA C 36 30.49 -2.75 -9.92
N TYR C 37 30.39 -3.95 -10.51
CA TYR C 37 29.25 -4.82 -10.24
C TYR C 37 29.12 -5.10 -8.75
N LEU C 38 30.24 -5.38 -8.09
CA LEU C 38 30.22 -5.56 -6.65
C LEU C 38 29.83 -4.28 -5.94
N GLU C 39 30.31 -3.14 -6.43
CA GLU C 39 30.05 -1.88 -5.75
C GLU C 39 28.58 -1.50 -5.80
N SER C 40 27.90 -1.83 -6.90
CA SER C 40 26.48 -1.52 -7.00
C SER C 40 25.70 -2.20 -5.89
N HIS C 41 25.98 -3.48 -5.65
CA HIS C 41 25.28 -4.20 -4.59
C HIS C 41 25.60 -3.60 -3.23
N ARG C 42 26.88 -3.28 -2.98
CA ARG C 42 27.28 -2.79 -1.68
C ARG C 42 26.58 -1.47 -1.35
N ALA C 43 26.66 -0.49 -2.25
CA ALA C 43 26.04 0.80 -1.99
C ALA C 43 24.52 0.66 -1.90
N SER C 44 23.94 -0.19 -2.74
CA SER C 44 22.49 -0.35 -2.73
C SER C 44 22.00 -0.85 -1.39
N LEU C 45 22.69 -1.84 -0.81
CA LEU C 45 22.23 -2.41 0.45
C LEU C 45 22.30 -1.40 1.58
N VAL C 46 23.45 -0.75 1.74
CA VAL C 46 23.63 0.17 2.87
C VAL C 46 22.63 1.32 2.78
N ASP C 47 22.35 1.79 1.56
CA ASP C 47 21.35 2.83 1.40
C ASP C 47 19.99 2.35 1.86
N SER C 48 19.63 1.12 1.50
CA SER C 48 18.34 0.58 1.90
C SER C 48 18.21 0.55 3.42
N LEU C 49 19.27 0.09 4.09
CA LEU C 49 19.24 0.04 5.56
C LEU C 49 18.98 1.41 6.14
N ARG C 50 19.66 2.44 5.62
CA ARG C 50 19.39 3.79 6.06
C ARG C 50 17.95 4.16 5.76
N ARG C 51 17.47 3.82 4.57
CA ARG C 51 16.08 4.05 4.24
C ARG C 51 15.16 3.24 5.15
N LEU C 52 15.53 1.98 5.42
CA LEU C 52 14.71 1.16 6.30
C LEU C 52 14.78 1.64 7.74
N PHE C 53 15.97 1.91 8.25
CA PHE C 53 16.07 2.42 9.61
C PHE C 53 15.37 3.76 9.74
N GLY C 54 15.54 4.63 8.74
CA GLY C 54 14.73 5.80 8.66
C GLY C 54 13.27 5.44 8.47
N HIS C 55 12.39 6.30 8.95
CA HIS C 55 10.95 6.07 8.93
C HIS C 55 10.64 4.72 9.59
N PRO C 56 11.04 4.53 10.84
CA PRO C 56 10.95 3.17 11.41
C PRO C 56 9.54 2.73 11.72
N PHE C 57 8.68 3.63 12.20
CA PHE C 57 7.34 3.22 12.60
C PHE C 57 6.54 2.69 11.41
N GLY C 58 6.61 3.39 10.28
CA GLY C 58 5.90 2.92 9.10
C GLY C 58 6.42 1.59 8.60
N SER C 59 7.76 1.44 8.56
CA SER C 59 8.33 0.19 8.09
C SER C 59 7.94 -0.98 8.98
N PHE C 60 7.98 -0.78 10.30
CA PHE C 60 7.53 -1.82 11.21
C PHE C 60 6.06 -2.13 11.02
N PHE C 61 5.23 -1.10 10.85
CA PHE C 61 3.80 -1.30 10.67
C PHE C 61 3.54 -2.14 9.43
N THR C 62 4.27 -1.88 8.35
CA THR C 62 4.14 -2.71 7.16
C THR C 62 4.62 -4.13 7.43
N CYS C 63 5.80 -4.27 8.03
CA CYS C 63 6.41 -5.60 8.17
C CYS C 63 5.53 -6.52 9.01
N LEU C 64 4.91 -5.98 10.05
CA LEU C 64 4.08 -6.79 10.93
C LEU C 64 2.94 -7.45 10.16
N VAL C 65 2.38 -6.76 9.18
CA VAL C 65 1.19 -7.27 8.49
C VAL C 65 1.51 -8.55 7.75
N MET C 66 2.52 -8.52 6.88
CA MET C 66 2.79 -9.76 6.15
C MET C 66 3.49 -10.78 7.04
N GLY C 67 4.11 -10.38 8.15
CA GLY C 67 4.56 -11.39 9.10
C GLY C 67 3.40 -12.19 9.66
N ILE C 68 2.36 -11.50 10.14
CA ILE C 68 1.25 -12.22 10.74
C ILE C 68 0.48 -12.98 9.68
N THR C 69 0.43 -12.47 8.45
CA THR C 69 -0.20 -13.24 7.38
C THR C 69 0.58 -14.52 7.10
N LEU C 70 1.91 -14.43 7.03
CA LEU C 70 2.72 -15.61 6.79
C LEU C 70 2.61 -16.61 7.91
N SER C 71 2.25 -16.16 9.11
CA SER C 71 2.13 -17.10 10.23
C SER C 71 1.09 -18.18 9.97
N LEU C 72 -0.05 -17.82 9.38
CA LEU C 72 -1.19 -18.74 9.32
C LEU C 72 -0.91 -20.01 8.53
N PRO C 73 -0.42 -19.97 7.29
CA PRO C 73 -0.31 -21.23 6.52
C PRO C 73 0.68 -22.20 7.13
N MET C 74 1.87 -21.74 7.44
CA MET C 74 2.89 -22.63 7.99
C MET C 74 2.49 -23.08 9.39
N GLY C 75 1.76 -22.23 10.12
CA GLY C 75 1.24 -22.66 11.42
C GLY C 75 0.27 -23.82 11.30
N LEU C 76 -0.60 -23.76 10.29
CA LEU C 76 -1.50 -24.90 10.09
C LEU C 76 -0.74 -26.14 9.66
N SER C 77 0.32 -25.98 8.87
CA SER C 77 1.16 -27.11 8.53
C SER C 77 1.76 -27.72 9.79
N LEU C 78 2.25 -26.89 10.70
CA LEU C 78 2.79 -27.42 11.94
C LEU C 78 1.73 -28.13 12.75
N LEU C 79 0.51 -27.58 12.80
CA LEU C 79 -0.54 -28.22 13.58
C LEU C 79 -0.87 -29.60 13.02
N LEU C 80 -1.04 -29.69 11.71
CA LEU C 80 -1.38 -30.98 11.12
C LEU C 80 -0.22 -31.96 11.26
N ASN C 81 1.01 -31.46 11.16
CA ASN C 81 2.16 -32.33 11.36
C ASN C 81 2.19 -32.87 12.77
N ASN C 82 1.88 -32.02 13.75
CA ASN C 82 1.87 -32.46 15.14
C ASN C 82 0.81 -33.52 15.38
N VAL C 83 -0.40 -33.32 14.83
CA VAL C 83 -1.41 -34.36 15.01
C VAL C 83 -1.06 -35.61 14.22
N GLU C 84 -0.25 -35.49 13.17
CA GLU C 84 0.23 -36.66 12.46
C GLU C 84 1.11 -37.53 13.36
N ARG C 85 1.84 -36.91 14.29
CA ARG C 85 2.66 -37.68 15.22
C ARG C 85 1.78 -38.62 16.04
N LEU C 86 0.63 -38.14 16.48
CA LEU C 86 -0.37 -38.97 17.15
C LEU C 86 -1.28 -39.64 16.12
N GLY C 87 -0.67 -40.53 15.34
CA GLY C 87 -1.38 -41.17 14.25
C GLY C 87 -1.98 -42.52 14.59
N GLY C 88 -2.25 -42.76 15.86
CA GLY C 88 -2.83 -44.02 16.27
C GLY C 88 -4.31 -43.95 16.58
N SER C 89 -4.85 -42.74 16.65
CA SER C 89 -6.27 -42.55 16.96
C SER C 89 -7.16 -42.70 15.74
N TRP C 90 -6.60 -42.71 14.53
CA TRP C 90 -7.38 -42.91 13.33
C TRP C 90 -7.87 -44.34 13.27
N GLN C 91 -6.93 -45.30 13.27
CA GLN C 91 -7.31 -46.70 13.39
C GLN C 91 -7.99 -46.95 14.73
N ARG C 92 -7.24 -46.80 15.83
CA ARG C 92 -7.74 -46.89 17.20
C ARG C 92 -8.77 -48.00 17.40
N ALA C 93 -10.00 -47.73 16.96
CA ALA C 93 -11.11 -48.67 17.11
C ALA C 93 -11.22 -49.58 15.90
N ALA C 94 -12.36 -50.26 15.77
CA ALA C 94 -12.66 -51.10 14.61
C ALA C 94 -11.70 -52.28 14.51
N GLN C 95 -11.57 -53.00 15.62
CA GLN C 95 -10.79 -54.23 15.67
C GLN C 95 -11.74 -55.40 15.47
N ILE C 96 -11.36 -56.31 14.57
CA ILE C 96 -12.20 -57.48 14.29
C ILE C 96 -12.28 -58.34 15.55
N SER C 97 -13.47 -58.40 16.13
CA SER C 97 -13.69 -59.18 17.36
C SER C 97 -14.02 -60.63 17.02
N LEU C 98 -13.02 -61.32 16.46
CA LEU C 98 -13.18 -62.74 16.17
C LEU C 98 -13.26 -63.53 17.46
N PHE C 99 -14.47 -63.97 17.81
CA PHE C 99 -14.66 -64.73 19.04
C PHE C 99 -13.93 -66.06 18.97
N LEU C 100 -13.02 -66.28 19.90
CA LEU C 100 -12.40 -67.59 20.05
C LEU C 100 -13.45 -68.57 20.53
N ASP C 101 -13.28 -69.84 20.18
CA ASP C 101 -14.21 -70.89 20.58
C ASP C 101 -14.50 -70.82 22.08
N LEU C 102 -15.75 -71.10 22.46
CA LEU C 102 -16.19 -70.94 23.84
C LEU C 102 -15.33 -71.76 24.79
N LYS C 103 -14.91 -72.94 24.35
CA LYS C 103 -13.95 -73.73 25.11
C LYS C 103 -12.62 -72.98 25.21
N THR C 104 -12.06 -72.90 26.40
CA THR C 104 -10.85 -72.12 26.61
C THR C 104 -9.64 -72.82 26.02
N SER C 105 -8.90 -72.13 25.14
CA SER C 105 -7.67 -72.68 24.58
C SER C 105 -6.76 -71.50 24.25
N GLU C 106 -5.81 -71.21 25.15
CA GLU C 106 -4.89 -70.10 24.93
C GLU C 106 -3.81 -70.47 23.93
N ASN C 107 -3.41 -71.75 23.91
CA ASN C 107 -2.35 -72.20 23.01
C ASN C 107 -2.76 -72.06 21.55
N GLN C 108 -3.99 -72.43 21.23
CA GLN C 108 -4.47 -72.36 19.84
C GLN C 108 -4.55 -70.91 19.38
N GLY C 109 -5.03 -70.02 20.26
CA GLY C 109 -5.02 -68.60 19.94
C GLY C 109 -3.64 -68.04 19.75
N GLN C 110 -2.69 -68.45 20.59
CA GLN C 110 -1.31 -68.01 20.42
C GLN C 110 -0.73 -68.53 19.10
N ASP C 111 -1.09 -69.75 18.72
CA ASP C 111 -0.68 -70.30 17.44
C ASP C 111 -1.22 -69.52 16.26
N LEU C 112 -2.49 -69.12 16.30
CA LEU C 112 -3.08 -68.32 15.23
C LEU C 112 -2.72 -66.84 15.32
N ARG C 113 -2.08 -66.42 16.41
CA ARG C 113 -1.68 -65.02 16.58
C ARG C 113 -0.84 -64.52 15.41
N GLU C 114 0.17 -65.29 15.01
CA GLU C 114 1.18 -64.80 14.09
C GLU C 114 0.69 -64.74 12.65
N GLN C 115 -0.35 -65.49 12.29
CA GLN C 115 -0.81 -65.54 10.91
C GLN C 115 -1.36 -64.18 10.48
N ILE C 116 -2.06 -63.51 11.37
CA ILE C 116 -2.65 -62.20 11.04
C ILE C 116 -1.55 -61.19 10.76
N GLU C 117 -0.41 -61.32 11.44
CA GLU C 117 0.72 -60.43 11.20
C GLU C 117 1.15 -60.49 9.74
N ARG C 118 1.06 -61.67 9.12
CA ARG C 118 1.49 -61.83 7.74
C ARG C 118 0.61 -61.04 6.79
N LEU C 119 -0.70 -61.06 7.01
CA LEU C 119 -1.65 -60.46 6.10
C LEU C 119 -1.61 -58.95 6.19
N PRO C 120 -1.97 -58.25 5.11
CA PRO C 120 -2.04 -56.79 5.14
C PRO C 120 -3.38 -56.31 5.70
N ASP C 121 -3.56 -54.98 5.65
CA ASP C 121 -4.78 -54.32 6.11
C ASP C 121 -5.00 -54.50 7.60
N VAL C 122 -4.00 -55.06 8.29
CA VAL C 122 -4.09 -55.30 9.72
C VAL C 122 -2.74 -54.97 10.34
N ILE C 123 -2.64 -55.10 11.66
CA ILE C 123 -1.40 -54.82 12.36
C ILE C 123 -0.91 -56.07 13.06
N GLU C 124 -1.70 -56.55 14.04
CA GLU C 124 -1.32 -57.72 14.82
C GLU C 124 -2.54 -58.18 15.61
N ALA C 125 -2.83 -59.47 15.56
CA ALA C 125 -3.91 -60.03 16.35
C ALA C 125 -3.36 -60.44 17.71
N GLN C 126 -3.64 -59.62 18.72
CA GLN C 126 -3.15 -59.87 20.09
C GLN C 126 -4.12 -60.79 20.80
N LEU C 127 -3.62 -61.91 21.30
CA LEU C 127 -4.45 -62.90 21.96
C LEU C 127 -4.92 -62.38 23.31
N ILE C 128 -6.20 -62.58 23.61
CA ILE C 128 -6.78 -62.15 24.87
C ILE C 128 -7.36 -63.38 25.56
N SER C 129 -7.52 -63.31 26.88
CA SER C 129 -8.07 -64.42 27.65
C SER C 129 -9.55 -64.17 27.91
N ARG C 130 -10.16 -65.11 28.63
CA ARG C 130 -11.59 -65.02 28.93
C ARG C 130 -11.90 -63.79 29.78
N GLU C 131 -11.07 -63.52 30.78
CA GLU C 131 -11.29 -62.39 31.66
C GLU C 131 -10.59 -61.14 31.14
N PRO C 157 -12.82 -66.43 25.28
CA PRO C 157 -11.79 -65.44 24.94
C PRO C 157 -11.98 -64.88 23.53
N VAL C 158 -11.19 -63.86 23.18
CA VAL C 158 -11.31 -63.20 21.89
C VAL C 158 -9.93 -62.76 21.43
N ILE C 159 -9.78 -62.46 20.15
CA ILE C 159 -8.55 -61.90 19.60
C ILE C 159 -8.95 -60.75 18.68
N SER C 160 -8.20 -59.65 18.71
CA SER C 160 -8.56 -58.46 17.95
C SER C 160 -7.34 -57.92 17.20
N VAL C 161 -7.62 -57.18 16.13
CA VAL C 161 -6.58 -56.54 15.34
C VAL C 161 -7.09 -55.25 14.72
N THR C 162 -6.31 -54.19 14.83
CA THR C 162 -6.68 -52.90 14.25
C THR C 162 -6.25 -52.83 12.80
N PRO C 163 -7.01 -52.14 11.97
CA PRO C 163 -6.61 -51.96 10.57
C PRO C 163 -5.61 -50.83 10.42
N LYS C 164 -5.24 -50.51 9.19
CA LYS C 164 -4.39 -49.35 8.91
C LYS C 164 -5.20 -48.28 8.21
N GLN C 165 -5.86 -48.65 7.12
CA GLN C 165 -6.76 -47.73 6.44
C GLN C 165 -8.15 -47.84 7.05
N ILE C 166 -9.14 -47.19 6.44
CA ILE C 166 -10.49 -47.18 6.96
C ILE C 166 -11.36 -48.02 6.05
N ASP C 167 -11.00 -48.08 4.77
CA ASP C 167 -11.80 -48.75 3.75
C ASP C 167 -13.26 -48.34 3.86
N ARG C 168 -14.17 -49.28 3.61
CA ARG C 168 -15.60 -49.07 3.78
C ARG C 168 -16.28 -50.43 3.73
N ALA C 169 -17.60 -50.44 3.63
CA ALA C 169 -18.36 -51.67 3.49
C ALA C 169 -17.88 -52.44 2.26
N GLY C 170 -17.59 -53.72 2.42
CA GLY C 170 -17.05 -54.52 1.34
C GLY C 170 -15.75 -55.18 1.71
N LEU C 171 -15.01 -54.55 2.62
CA LEU C 171 -13.76 -55.12 3.13
C LEU C 171 -14.00 -56.05 4.31
N GLU C 172 -15.24 -56.19 4.75
CA GLU C 172 -15.60 -57.19 5.74
C GLU C 172 -15.65 -58.59 5.17
N ALA C 173 -15.55 -58.73 3.84
CA ALA C 173 -15.30 -60.04 3.26
C ALA C 173 -14.01 -60.64 3.80
N LEU C 174 -13.01 -59.80 4.07
CA LEU C 174 -11.81 -60.25 4.76
C LEU C 174 -12.14 -60.74 6.17
N ARG C 175 -13.08 -60.11 6.86
CA ARG C 175 -13.47 -60.59 8.18
C ARG C 175 -14.16 -61.94 8.11
N GLN C 176 -15.07 -62.12 7.15
CA GLN C 176 -15.67 -63.45 6.96
C GLN C 176 -14.62 -64.49 6.61
N GLN C 177 -13.67 -64.15 5.74
CA GLN C 177 -12.55 -65.03 5.46
C GLN C 177 -11.74 -65.34 6.72
N LEU C 178 -11.60 -64.37 7.61
CA LEU C 178 -10.90 -64.61 8.87
C LEU C 178 -11.72 -65.52 9.78
N ALA C 179 -13.04 -65.56 9.60
CA ALA C 179 -13.87 -66.46 10.39
C ALA C 179 -13.87 -67.87 9.80
N GLU C 180 -12.67 -68.38 9.52
CA GLU C 180 -12.47 -69.74 9.05
C GLU C 180 -11.21 -70.34 9.67
N LEU C 181 -10.81 -69.83 10.82
CA LEU C 181 -9.54 -70.14 11.45
C LEU C 181 -9.77 -71.10 12.62
N PRO C 182 -8.69 -71.65 13.22
CA PRO C 182 -8.84 -72.51 14.40
C PRO C 182 -9.86 -72.03 15.43
N HIS C 183 -9.68 -70.83 15.96
CA HIS C 183 -10.61 -70.25 16.93
C HIS C 183 -11.56 -69.32 16.19
N VAL C 184 -12.75 -69.82 15.88
CA VAL C 184 -13.82 -69.02 15.27
C VAL C 184 -15.11 -69.41 15.98
N GLN C 185 -15.55 -68.57 16.91
CA GLN C 185 -16.85 -68.77 17.54
C GLN C 185 -17.87 -67.80 16.96
N GLN C 186 -17.46 -66.55 16.74
CA GLN C 186 -18.34 -65.54 16.16
C GLN C 186 -17.48 -64.42 15.60
N ALA C 187 -17.57 -64.20 14.30
CA ALA C 187 -16.92 -63.05 13.69
C ALA C 187 -17.70 -61.78 14.02
N GLN C 188 -16.98 -60.79 14.56
CA GLN C 188 -17.66 -59.57 15.04
C GLN C 188 -16.84 -58.37 14.56
N LEU C 189 -17.39 -57.67 13.57
CA LEU C 189 -16.81 -56.43 13.05
C LEU C 189 -17.97 -55.56 12.61
N ASP C 190 -18.38 -54.63 13.49
CA ASP C 190 -19.52 -53.77 13.20
C ASP C 190 -19.27 -52.95 11.95
N LEU C 191 -20.32 -52.77 11.15
CA LEU C 191 -20.20 -52.06 9.89
C LEU C 191 -20.39 -50.55 10.07
N VAL C 192 -21.52 -50.15 10.65
CA VAL C 192 -21.97 -48.76 10.65
C VAL C 192 -20.86 -47.81 11.09
N TRP C 193 -20.00 -48.26 12.00
CA TRP C 193 -18.86 -47.43 12.40
C TRP C 193 -17.97 -47.13 11.22
N VAL C 194 -17.74 -48.11 10.35
CA VAL C 194 -16.91 -47.90 9.18
C VAL C 194 -17.54 -46.82 8.32
N GLU C 195 -18.87 -46.88 8.18
CA GLU C 195 -19.59 -45.89 7.39
C GLU C 195 -19.39 -44.50 7.96
N ARG C 196 -19.63 -44.34 9.25
CA ARG C 196 -19.51 -43.01 9.86
C ARG C 196 -18.09 -42.48 9.77
N LEU C 197 -17.10 -43.34 10.03
CA LEU C 197 -15.71 -42.91 9.98
C LEU C 197 -15.32 -42.49 8.57
N SER C 198 -15.73 -43.27 7.57
CA SER C 198 -15.40 -42.93 6.19
C SER C 198 -16.13 -41.69 5.74
N ALA C 199 -17.29 -41.40 6.33
CA ALA C 199 -17.97 -40.15 6.04
C ALA C 199 -17.22 -38.97 6.65
N ILE C 200 -16.73 -39.14 7.88
CA ILE C 200 -15.99 -38.08 8.54
C ILE C 200 -14.71 -37.77 7.76
N LEU C 201 -13.98 -38.81 7.39
CA LEU C 201 -12.79 -38.61 6.60
C LEU C 201 -13.15 -38.43 5.12
N LYS C 202 -12.23 -37.80 4.40
CA LYS C 202 -12.31 -37.30 3.04
C LYS C 202 -13.27 -36.11 3.02
N LEU C 203 -14.13 -36.03 4.03
CA LEU C 203 -14.81 -34.79 4.33
C LEU C 203 -13.86 -33.83 5.02
N GLY C 204 -13.12 -34.34 6.00
CA GLY C 204 -12.02 -33.57 6.53
C GLY C 204 -11.01 -33.21 5.46
N GLU C 205 -10.83 -34.09 4.48
CA GLU C 205 -9.85 -33.83 3.42
C GLU C 205 -10.31 -32.72 2.48
N ARG C 206 -11.59 -32.72 2.10
CA ARG C 206 -12.11 -31.59 1.36
C ARG C 206 -12.00 -30.31 2.18
N PHE C 207 -12.32 -30.41 3.47
CA PHE C 207 -12.27 -29.23 4.33
C PHE C 207 -10.88 -28.63 4.40
N VAL C 208 -9.86 -29.47 4.62
CA VAL C 208 -8.49 -28.97 4.75
C VAL C 208 -8.00 -28.45 3.41
N PHE C 209 -8.40 -29.11 2.33
CA PHE C 209 -8.02 -28.69 0.99
C PHE C 209 -8.49 -27.26 0.75
N GLY C 210 -9.76 -27.02 1.07
CA GLY C 210 -10.33 -25.69 0.85
C GLY C 210 -9.65 -24.63 1.69
N LEU C 211 -9.45 -24.90 2.97
CA LEU C 211 -8.79 -23.92 3.83
C LEU C 211 -7.38 -23.63 3.34
N THR C 212 -6.64 -24.67 2.96
CA THR C 212 -5.28 -24.48 2.50
C THR C 212 -5.25 -23.58 1.28
N ILE C 213 -6.07 -23.91 0.27
CA ILE C 213 -6.00 -23.14 -0.97
C ILE C 213 -6.45 -21.70 -0.72
N LEU C 214 -7.54 -21.52 0.03
CA LEU C 214 -8.02 -20.17 0.31
C LEU C 214 -6.95 -19.33 0.99
N LEU C 215 -6.32 -19.90 2.00
CA LEU C 215 -5.36 -19.12 2.77
C LEU C 215 -4.10 -18.82 1.97
N VAL C 216 -3.65 -19.76 1.15
CA VAL C 216 -2.50 -19.48 0.30
C VAL C 216 -2.81 -18.33 -0.65
N LEU C 217 -4.00 -18.35 -1.26
CA LEU C 217 -4.37 -17.25 -2.14
C LEU C 217 -4.41 -15.92 -1.41
N THR C 218 -5.00 -15.87 -0.21
CA THR C 218 -5.08 -14.57 0.45
C THR C 218 -3.70 -14.06 0.83
N LEU C 219 -2.80 -14.95 1.23
CA LEU C 219 -1.44 -14.52 1.53
C LEU C 219 -0.76 -13.95 0.29
N LEU C 220 -0.85 -14.68 -0.83
CA LEU C 220 -0.20 -14.20 -2.05
C LEU C 220 -0.74 -12.84 -2.44
N LEU C 221 -2.05 -12.67 -2.38
CA LEU C 221 -2.64 -11.41 -2.79
C LEU C 221 -2.17 -10.27 -1.90
N VAL C 222 -2.16 -10.47 -0.58
CA VAL C 222 -1.81 -9.36 0.30
C VAL C 222 -0.35 -8.95 0.08
N VAL C 223 0.55 -9.93 -0.01
CA VAL C 223 1.96 -9.55 -0.16
C VAL C 223 2.19 -8.86 -1.50
N GLY C 224 1.62 -9.41 -2.58
CA GLY C 224 1.82 -8.81 -3.88
C GLY C 224 1.28 -7.40 -3.94
N ASN C 225 0.08 -7.18 -3.40
CA ASN C 225 -0.53 -5.87 -3.47
C ASN C 225 0.26 -4.86 -2.67
N THR C 226 0.69 -5.23 -1.47
CA THR C 226 1.45 -4.28 -0.66
C THR C 226 2.75 -3.89 -1.33
N ILE C 227 3.49 -4.88 -1.85
CA ILE C 227 4.74 -4.55 -2.54
C ILE C 227 4.47 -3.67 -3.74
N ARG C 228 3.42 -3.98 -4.50
CA ARG C 228 3.09 -3.18 -5.67
C ARG C 228 2.84 -1.74 -5.30
N LEU C 229 2.02 -1.50 -4.27
CA LEU C 229 1.69 -0.12 -3.95
C LEU C 229 2.93 0.62 -3.44
N HIS C 230 3.74 -0.06 -2.63
CA HIS C 230 4.94 0.58 -2.11
C HIS C 230 5.88 0.98 -3.25
N ILE C 231 6.03 0.11 -4.24
CA ILE C 231 6.85 0.45 -5.39
C ILE C 231 6.23 1.57 -6.19
N GLU C 232 4.90 1.61 -6.29
CA GLU C 232 4.26 2.70 -7.02
C GLU C 232 4.59 4.04 -6.38
N ASN C 233 4.53 4.11 -5.05
CA ASN C 233 5.01 5.32 -4.41
C ASN C 233 6.50 5.47 -4.70
N ARG C 234 7.02 6.66 -4.38
CA ARG C 234 8.39 7.05 -4.73
C ARG C 234 8.71 6.67 -6.17
N ARG C 235 7.87 7.13 -7.09
CA ARG C 235 8.05 6.84 -8.50
C ARG C 235 9.17 7.65 -9.14
N ASN C 236 9.42 8.86 -8.64
CA ASN C 236 10.25 9.83 -9.38
C ASN C 236 11.60 9.25 -9.77
N GLU C 237 12.16 8.41 -8.92
CA GLU C 237 13.47 7.84 -9.18
C GLU C 237 13.48 7.03 -10.46
N ILE C 238 12.47 6.19 -10.66
CA ILE C 238 12.48 5.25 -11.77
C ILE C 238 12.67 5.96 -13.10
N GLU C 239 12.18 7.19 -13.21
CA GLU C 239 12.43 7.94 -14.43
C GLU C 239 13.67 8.83 -14.33
N VAL C 240 13.93 9.46 -13.18
CA VAL C 240 15.00 10.44 -13.13
C VAL C 240 16.35 9.77 -13.33
N ILE C 241 16.50 8.54 -12.83
CA ILE C 241 17.67 7.76 -13.23
C ILE C 241 17.62 7.33 -14.68
N LYS C 242 16.47 6.91 -15.18
CA LYS C 242 16.43 6.32 -16.50
C LYS C 242 16.80 7.30 -17.60
N LEU C 243 16.28 8.53 -17.57
CA LEU C 243 16.51 9.39 -18.74
C LEU C 243 17.99 9.77 -18.86
N VAL C 244 18.66 10.00 -17.74
CA VAL C 244 20.06 10.37 -17.79
C VAL C 244 20.91 9.17 -18.17
N GLY C 245 20.38 7.96 -18.03
CA GLY C 245 21.11 6.77 -18.42
C GLY C 245 20.75 5.58 -17.57
N GLY C 246 21.74 4.72 -17.30
CA GLY C 246 21.53 3.57 -16.45
C GLY C 246 20.78 2.44 -17.12
N THR C 247 20.97 1.23 -16.62
CA THR C 247 20.39 0.04 -17.20
C THR C 247 19.23 -0.46 -16.34
N ASP C 248 18.59 -1.52 -16.82
CA ASP C 248 17.48 -2.11 -16.09
C ASP C 248 17.91 -2.65 -14.74
N GLY C 249 19.02 -3.39 -14.71
CA GLY C 249 19.48 -3.96 -13.46
C GLY C 249 19.87 -2.91 -12.44
N TYR C 250 20.49 -1.82 -12.90
CA TYR C 250 20.91 -0.76 -12.00
C TYR C 250 19.73 -0.17 -11.25
N VAL C 251 18.69 0.23 -11.97
CA VAL C 251 17.51 0.80 -11.32
C VAL C 251 16.78 -0.28 -10.53
N ARG C 252 16.84 -1.52 -10.99
CA ARG C 252 16.07 -2.59 -10.38
C ARG C 252 16.62 -2.98 -9.01
N ARG C 253 17.94 -2.93 -8.82
CA ARG C 253 18.55 -3.56 -7.66
C ARG C 253 18.02 -3.04 -6.32
N PRO C 254 18.01 -1.73 -6.03
CA PRO C 254 17.60 -1.30 -4.69
C PRO C 254 16.19 -1.73 -4.33
N PHE C 255 15.32 -1.74 -5.33
CA PHE C 255 13.95 -2.17 -5.11
C PHE C 255 13.89 -3.64 -4.75
N LEU C 256 14.76 -4.46 -5.35
CA LEU C 256 14.89 -5.83 -4.88
C LEU C 256 15.34 -5.85 -3.43
N TYR C 257 16.28 -4.98 -3.07
CA TYR C 257 16.88 -5.06 -1.75
C TYR C 257 15.87 -4.78 -0.64
N MET C 258 15.14 -3.66 -0.74
CA MET C 258 14.30 -3.37 0.44
C MET C 258 13.14 -4.35 0.51
N GLY C 259 12.69 -4.86 -0.64
CA GLY C 259 11.69 -5.92 -0.60
C GLY C 259 12.20 -7.16 0.10
N ALA C 260 13.45 -7.54 -0.18
CA ALA C 260 14.04 -8.67 0.52
C ALA C 260 14.10 -8.43 2.02
N LEU C 261 14.46 -7.20 2.41
CA LEU C 261 14.50 -6.89 3.84
C LEU C 261 13.13 -6.97 4.48
N TYR C 262 12.09 -6.45 3.82
CA TYR C 262 10.75 -6.57 4.36
C TYR C 262 10.38 -8.04 4.55
N GLY C 263 10.69 -8.87 3.54
CA GLY C 263 10.38 -10.28 3.66
C GLY C 263 11.11 -10.94 4.81
N LEU C 264 12.39 -10.61 4.99
CA LEU C 264 13.16 -11.20 6.08
C LEU C 264 12.59 -10.80 7.43
N GLY C 265 12.27 -9.52 7.60
CA GLY C 265 11.73 -9.08 8.87
C GLY C 265 10.40 -9.73 9.20
N ALA C 266 9.52 -9.83 8.20
CA ALA C 266 8.25 -10.50 8.41
C ALA C 266 8.45 -11.96 8.76
N GLY C 267 9.36 -12.64 8.07
CA GLY C 267 9.62 -14.04 8.36
C GLY C 267 10.12 -14.23 9.78
N ILE C 268 10.95 -13.30 10.25
CA ILE C 268 11.42 -13.39 11.63
C ILE C 268 10.28 -13.20 12.61
N LEU C 269 9.42 -12.21 12.38
CA LEU C 269 8.40 -11.89 13.38
C LEU C 269 7.42 -13.05 13.57
N SER C 270 7.02 -13.68 12.49
CA SER C 270 6.12 -14.83 12.53
C SER C 270 6.66 -15.95 13.40
N TRP C 271 7.97 -16.17 13.38
CA TRP C 271 8.56 -17.19 14.23
C TRP C 271 8.21 -16.97 15.69
N ALA C 272 8.47 -15.77 16.19
CA ALA C 272 8.19 -15.48 17.60
C ALA C 272 6.70 -15.55 17.88
N LEU C 273 5.88 -14.99 16.98
CA LEU C 273 4.44 -15.02 17.22
C LEU C 273 3.94 -16.46 17.35
N LEU C 274 4.36 -17.32 16.42
CA LEU C 274 3.86 -18.68 16.41
C LEU C 274 4.36 -19.46 17.62
N ALA C 275 5.63 -19.27 17.98
CA ALA C 275 6.18 -19.96 19.14
C ALA C 275 5.43 -19.56 20.41
N TYR C 276 5.18 -18.26 20.56
CA TYR C 276 4.44 -17.80 21.73
C TYR C 276 3.03 -18.35 21.75
N SER C 277 2.37 -18.40 20.60
CA SER C 277 1.00 -18.91 20.56
C SER C 277 0.95 -20.37 20.95
N LEU C 278 1.86 -21.18 20.40
CA LEU C 278 1.85 -22.61 20.72
C LEU C 278 2.17 -22.82 22.20
N ASN C 279 3.11 -22.05 22.74
CA ASN C 279 3.39 -22.15 24.17
C ASN C 279 2.16 -21.77 24.99
N TRP C 280 1.43 -20.75 24.57
CA TRP C 280 0.20 -20.39 25.24
C TRP C 280 -0.79 -21.54 25.23
N LEU C 281 -0.92 -22.22 24.10
CA LEU C 281 -1.93 -23.26 24.01
C LEU C 281 -1.50 -24.57 24.64
N ASN C 282 -0.21 -24.74 24.95
CA ASN C 282 0.26 -25.98 25.56
C ASN C 282 -0.48 -26.34 26.84
N GLY C 283 -1.02 -25.35 27.55
CA GLY C 283 -1.60 -25.62 28.86
C GLY C 283 -2.71 -26.64 28.81
N SER C 284 -3.63 -26.50 27.86
CA SER C 284 -4.74 -27.44 27.78
C SER C 284 -4.31 -28.77 27.17
N VAL C 285 -3.38 -28.74 26.21
CA VAL C 285 -3.04 -29.97 25.52
C VAL C 285 -2.29 -30.92 26.45
N VAL C 286 -1.37 -30.39 27.27
CA VAL C 286 -0.68 -31.27 28.21
C VAL C 286 -1.66 -31.80 29.25
N ASN C 287 -2.62 -30.95 29.66
CA ASN C 287 -3.62 -31.38 30.63
C ASN C 287 -4.39 -32.58 30.10
N LEU C 288 -4.94 -32.46 28.90
CA LEU C 288 -5.72 -33.56 28.34
C LEU C 288 -4.84 -34.76 28.02
N SER C 289 -3.58 -34.51 27.64
CA SER C 289 -2.68 -35.61 27.33
C SER C 289 -2.46 -36.49 28.54
N GLY C 290 -2.04 -35.88 29.65
CA GLY C 290 -1.91 -36.65 30.89
C GLY C 290 -3.24 -37.20 31.35
N LEU C 291 -4.31 -36.46 31.10
CA LEU C 291 -5.67 -36.79 31.50
C LEU C 291 -6.19 -38.06 30.86
N TYR C 292 -5.94 -38.25 29.57
CA TYR C 292 -6.35 -39.44 28.85
C TYR C 292 -5.52 -40.66 29.21
N GLY C 293 -4.44 -40.48 29.96
CA GLY C 293 -3.54 -41.56 30.26
C GLY C 293 -2.42 -41.63 29.24
N SER C 294 -1.87 -40.48 28.87
CA SER C 294 -0.82 -40.44 27.86
C SER C 294 0.05 -39.21 28.10
N ASP C 295 1.03 -39.02 27.22
CA ASP C 295 1.94 -37.89 27.27
C ASP C 295 2.18 -37.33 25.86
N PHE C 296 1.31 -36.43 25.43
CA PHE C 296 1.39 -35.84 24.10
C PHE C 296 1.11 -34.35 24.20
N GLY C 297 2.17 -33.55 24.31
CA GLY C 297 2.02 -32.11 24.34
C GLY C 297 2.59 -31.48 23.09
N LEU C 298 1.89 -30.49 22.53
CA LEU C 298 2.34 -29.88 21.30
C LEU C 298 3.70 -29.22 21.51
N GLN C 299 4.62 -29.46 20.58
CA GLN C 299 6.02 -29.09 20.76
C GLN C 299 6.31 -27.75 20.09
N GLY C 300 7.56 -27.31 20.24
CA GLY C 300 7.97 -26.03 19.73
C GLY C 300 8.36 -26.07 18.26
N VAL C 301 8.80 -24.91 17.78
CA VAL C 301 9.17 -24.73 16.38
C VAL C 301 10.52 -25.38 16.10
N PRO C 302 10.60 -26.32 15.17
CA PRO C 302 11.91 -26.80 14.73
C PRO C 302 12.61 -25.73 13.90
N LEU C 303 13.91 -25.53 14.19
CA LEU C 303 14.66 -24.50 13.49
C LEU C 303 14.78 -24.82 12.01
N ASP C 304 14.88 -26.10 11.66
CA ASP C 304 14.99 -26.49 10.26
C ASP C 304 13.77 -26.03 9.47
N ASP C 305 12.59 -26.10 10.08
CA ASP C 305 11.40 -25.63 9.39
C ASP C 305 11.32 -24.11 9.39
N GLY C 306 11.79 -23.47 10.46
CA GLY C 306 11.71 -22.03 10.53
C GLY C 306 12.59 -21.33 9.51
N LEU C 307 13.79 -21.86 9.28
CA LEU C 307 14.63 -21.28 8.25
C LEU C 307 13.99 -21.39 6.87
N SER C 308 13.37 -22.54 6.59
CA SER C 308 12.63 -22.68 5.34
C SER C 308 11.47 -21.69 5.28
N LEU C 309 10.86 -21.42 6.44
CA LEU C 309 9.81 -20.41 6.50
C LEU C 309 10.32 -19.05 6.08
N THR C 310 11.46 -18.64 6.63
CA THR C 310 11.96 -17.28 6.38
C THR C 310 12.44 -17.12 4.94
N VAL C 311 13.14 -18.14 4.42
CA VAL C 311 13.67 -18.01 3.06
C VAL C 311 12.54 -17.87 2.05
N GLY C 312 11.41 -18.54 2.30
CA GLY C 312 10.26 -18.37 1.43
C GLY C 312 9.77 -16.94 1.41
N ALA C 313 9.71 -16.30 2.58
CA ALA C 313 9.29 -14.90 2.63
C ALA C 313 10.27 -14.03 1.86
N VAL C 314 11.56 -14.29 2.00
CA VAL C 314 12.55 -13.48 1.30
C VAL C 314 12.37 -13.58 -0.21
N LEU C 315 12.30 -14.81 -0.72
CA LEU C 315 12.16 -14.98 -2.16
C LEU C 315 10.82 -14.44 -2.65
N LEU C 316 9.79 -14.52 -1.81
CA LEU C 316 8.50 -13.96 -2.17
C LEU C 316 8.59 -12.45 -2.35
N GLY C 317 9.24 -11.78 -1.40
CA GLY C 317 9.44 -10.34 -1.55
C GLY C 317 10.23 -10.00 -2.81
N TRP C 318 11.24 -10.82 -3.12
CA TRP C 318 12.04 -10.56 -4.31
C TRP C 318 11.22 -10.67 -5.59
N VAL C 319 10.41 -11.72 -5.71
CA VAL C 319 9.62 -11.87 -6.92
C VAL C 319 8.55 -10.79 -6.99
N GLY C 320 7.98 -10.40 -5.85
CA GLY C 320 7.08 -9.27 -5.84
C GLY C 320 7.75 -8.00 -6.31
N ALA C 321 9.03 -7.84 -5.99
CA ALA C 321 9.76 -6.69 -6.49
C ALA C 321 9.85 -6.71 -8.01
N TRP C 322 10.22 -7.85 -8.60
CA TRP C 322 10.15 -7.94 -10.07
C TRP C 322 8.79 -7.52 -10.59
N LEU C 323 7.73 -8.10 -10.03
CA LEU C 323 6.40 -7.86 -10.58
C LEU C 323 6.02 -6.39 -10.49
N ALA C 324 6.31 -5.74 -9.36
CA ALA C 324 5.95 -4.34 -9.22
C ALA C 324 6.77 -3.45 -10.13
N VAL C 325 8.08 -3.72 -10.26
CA VAL C 325 8.91 -2.83 -11.07
C VAL C 325 8.59 -2.97 -12.55
N ALA C 326 8.18 -4.18 -12.98
CA ALA C 326 7.97 -4.42 -14.39
C ALA C 326 6.87 -3.54 -14.95
N ARG C 327 5.80 -3.34 -14.18
CA ARG C 327 4.69 -2.54 -14.67
C ARG C 327 5.14 -1.13 -15.00
N HIS C 328 5.82 -0.47 -14.07
CA HIS C 328 6.27 0.89 -14.33
C HIS C 328 7.28 0.93 -15.45
N LEU C 329 8.22 -0.03 -15.48
CA LEU C 329 9.24 0.00 -16.53
C LEU C 329 8.62 -0.13 -17.91
N ARG C 330 7.64 -1.02 -18.04
CA ARG C 330 6.94 -1.14 -19.31
C ARG C 330 6.08 0.08 -19.60
N GLU C 331 5.50 0.68 -18.57
CA GLU C 331 4.66 1.86 -18.75
C GLU C 331 5.44 3.03 -19.32
N LEU C 332 6.63 3.28 -18.78
CA LEU C 332 7.42 4.43 -19.20
C LEU C 332 8.23 4.15 -20.45
N ALA C 333 7.82 3.18 -21.25
CA ALA C 333 8.49 2.91 -22.51
C ALA C 333 8.33 4.10 -23.46
N PRO C 334 9.31 4.34 -24.33
CA PRO C 334 9.18 5.45 -25.29
C PRO C 334 8.00 5.30 -26.22
N ARG C 335 7.55 4.07 -26.49
CA ARG C 335 6.38 3.80 -27.31
C ARG C 335 6.42 4.53 -28.65
N MET D 1 26.19 16.80 -38.61
CA MET D 1 25.92 15.39 -38.37
C MET D 1 24.71 15.25 -37.46
N ILE D 2 23.95 16.33 -37.34
CA ILE D 2 22.78 16.37 -36.48
C ILE D 2 21.62 16.75 -37.39
N ARG D 3 21.70 16.30 -38.64
CA ARG D 3 20.79 16.78 -39.68
C ARG D 3 19.34 16.41 -39.39
N PHE D 4 18.45 17.35 -39.72
CA PHE D 4 17.01 17.15 -39.64
C PHE D 4 16.41 17.19 -41.03
N GLU D 5 15.29 16.51 -41.21
CA GLU D 5 14.66 16.45 -42.53
C GLU D 5 13.19 16.10 -42.39
N GLN D 6 12.34 17.10 -42.69
CA GLN D 6 10.90 16.89 -42.92
C GLN D 6 10.23 16.21 -41.73
N VAL D 7 10.64 16.59 -40.55
CA VAL D 7 10.09 15.99 -39.34
C VAL D 7 9.00 16.90 -38.77
N GLY D 8 8.07 16.28 -38.06
CA GLY D 8 6.99 17.01 -37.42
C GLY D 8 6.12 16.07 -36.61
N LYS D 9 5.78 16.44 -35.39
CA LYS D 9 5.05 15.56 -34.49
C LYS D 9 3.65 16.10 -34.26
N ARG D 10 2.66 15.24 -34.50
CA ARG D 10 1.28 15.53 -34.19
C ARG D 10 0.83 14.59 -33.09
N TYR D 11 0.18 15.13 -32.06
CA TYR D 11 -0.29 14.30 -30.98
C TYR D 11 -1.49 13.47 -31.42
N PRO D 12 -1.67 12.28 -30.86
CA PRO D 12 -2.94 11.57 -31.06
C PRO D 12 -4.13 12.36 -30.58
N ASN D 13 -3.92 13.20 -29.57
CA ASN D 13 -5.02 14.04 -29.07
C ASN D 13 -5.52 14.97 -30.17
N GLY D 14 -4.65 15.33 -31.11
CA GLY D 14 -5.06 16.16 -32.22
C GLY D 14 -4.12 17.31 -32.46
N HIS D 15 -3.49 17.80 -31.41
CA HIS D 15 -2.55 18.90 -31.54
C HIS D 15 -1.36 18.48 -32.38
N VAL D 16 -0.81 19.46 -33.11
CA VAL D 16 0.38 19.28 -33.90
C VAL D 16 1.51 20.01 -33.19
N GLY D 17 2.27 19.28 -32.38
CA GLY D 17 3.37 19.90 -31.66
C GLY D 17 4.42 20.45 -32.60
N LEU D 18 4.70 19.73 -33.68
CA LEU D 18 5.70 20.17 -34.64
C LEU D 18 5.13 20.03 -36.05
N HIS D 19 5.22 21.09 -36.83
CA HIS D 19 4.73 21.05 -38.19
C HIS D 19 5.74 20.44 -39.15
N GLU D 20 6.88 21.09 -39.32
CA GLU D 20 7.83 20.69 -40.35
C GLU D 20 9.18 21.32 -40.08
N VAL D 21 10.23 20.49 -40.10
CA VAL D 21 11.59 20.90 -39.77
C VAL D 21 12.59 20.15 -40.64
N SER D 22 13.63 20.85 -41.08
CA SER D 22 14.72 20.22 -41.83
C SER D 22 15.93 21.14 -41.77
N PHE D 23 17.04 20.64 -41.22
CA PHE D 23 18.31 21.36 -41.23
C PHE D 23 19.42 20.45 -40.73
N ARG D 24 20.64 20.99 -40.67
CA ARG D 24 21.82 20.27 -40.21
C ARG D 24 22.61 21.11 -39.23
N VAL D 25 23.38 20.44 -38.39
CA VAL D 25 24.27 21.07 -37.43
C VAL D 25 25.62 20.39 -37.50
N HIS D 26 26.70 21.17 -37.48
CA HIS D 26 28.05 20.64 -37.53
C HIS D 26 28.62 20.45 -36.13
N ARG D 27 29.70 19.68 -36.06
CA ARG D 27 30.30 19.29 -34.80
C ARG D 27 30.93 20.49 -34.10
N GLY D 28 30.79 20.53 -32.77
CA GLY D 28 31.47 21.52 -31.96
C GLY D 28 31.02 22.94 -32.18
N GLU D 29 29.74 23.17 -32.43
CA GLU D 29 29.22 24.50 -32.70
C GLU D 29 28.25 24.93 -31.61
N ILE D 30 28.28 26.21 -31.28
CA ILE D 30 27.31 26.78 -30.34
C ILE D 30 26.01 27.06 -31.07
N LEU D 31 24.90 26.73 -30.42
CA LEU D 31 23.56 26.89 -30.97
C LEU D 31 22.68 27.67 -30.02
N PHE D 32 21.71 28.38 -30.57
CA PHE D 32 20.74 29.12 -29.79
C PHE D 32 19.38 29.00 -30.46
N VAL D 33 18.32 28.98 -29.66
CA VAL D 33 16.96 28.90 -30.16
C VAL D 33 16.10 29.88 -29.39
N THR D 34 15.24 30.61 -30.10
CA THR D 34 14.29 31.53 -29.50
C THR D 34 12.96 31.41 -30.21
N GLY D 35 11.95 32.06 -29.64
CA GLY D 35 10.61 32.00 -30.21
C GLY D 35 9.61 32.45 -29.18
N HIS D 36 8.34 32.41 -29.58
CA HIS D 36 7.27 32.83 -28.70
C HIS D 36 6.95 31.73 -27.69
N SER D 37 5.89 31.94 -26.92
CA SER D 37 5.53 31.00 -25.87
C SER D 37 5.13 29.65 -26.45
N GLY D 38 4.26 29.65 -27.45
CA GLY D 38 3.72 28.42 -27.99
C GLY D 38 4.65 27.65 -28.88
N ALA D 39 5.82 28.21 -29.19
CA ALA D 39 6.77 27.51 -30.04
C ALA D 39 7.22 26.22 -29.37
N GLY D 40 7.45 25.20 -30.19
CA GLY D 40 7.87 23.92 -29.66
C GLY D 40 9.37 23.79 -29.58
N LYS D 41 9.94 24.12 -28.43
CA LYS D 41 11.38 24.03 -28.23
C LYS D 41 11.75 22.89 -27.31
N SER D 42 11.14 22.83 -26.13
CA SER D 42 11.34 21.70 -25.25
C SER D 42 10.96 20.42 -25.97
N THR D 43 9.85 20.44 -26.70
CA THR D 43 9.50 19.32 -27.55
C THR D 43 10.56 19.07 -28.62
N LEU D 44 11.05 20.15 -29.23
CA LEU D 44 12.04 20.01 -30.29
C LEU D 44 13.26 19.23 -29.82
N LEU D 45 13.85 19.64 -28.72
CA LEU D 45 15.01 18.92 -28.19
C LEU D 45 14.64 17.58 -27.56
N ARG D 46 13.41 17.44 -27.08
CA ARG D 46 12.97 16.14 -26.58
C ARG D 46 13.01 15.12 -27.70
N LEU D 47 12.74 15.55 -28.94
CA LEU D 47 12.93 14.66 -30.08
C LEU D 47 14.33 14.05 -30.06
N ILE D 48 15.35 14.87 -29.82
CA ILE D 48 16.70 14.33 -29.69
C ILE D 48 16.78 13.45 -28.46
N LEU D 49 16.17 13.87 -27.36
CA LEU D 49 16.10 13.02 -26.18
C LEU D 49 15.34 11.73 -26.45
N ALA D 50 14.36 11.76 -27.34
CA ALA D 50 13.67 10.56 -27.81
C ALA D 50 12.87 9.86 -26.72
N MET D 51 12.14 10.60 -25.88
CA MET D 51 11.12 9.91 -25.11
C MET D 51 9.86 9.69 -25.95
N GLU D 52 9.85 10.18 -27.18
CA GLU D 52 8.72 10.01 -28.09
C GLU D 52 9.22 9.60 -29.47
N ARG D 53 8.35 9.69 -30.48
CA ARG D 53 8.72 9.35 -31.84
C ARG D 53 8.45 10.54 -32.77
N PRO D 54 9.15 10.61 -33.91
CA PRO D 54 9.03 11.80 -34.77
C PRO D 54 7.63 12.08 -35.29
N THR D 55 6.82 11.04 -35.52
CA THR D 55 5.45 11.15 -36.02
C THR D 55 5.44 11.54 -37.50
N SER D 56 6.60 11.93 -38.03
CA SER D 56 6.74 12.29 -39.44
C SER D 56 8.21 12.51 -39.75
N GLY D 57 8.60 12.23 -40.98
CA GLY D 57 9.96 12.46 -41.40
C GLY D 57 10.94 11.52 -40.72
N LYS D 58 12.20 11.95 -40.67
CA LYS D 58 13.25 11.14 -40.07
C LYS D 58 14.36 12.05 -39.59
N LEU D 59 15.09 11.58 -38.58
CA LEU D 59 16.28 12.25 -38.08
C LEU D 59 17.39 11.23 -37.91
N LEU D 60 18.61 11.62 -38.29
CA LEU D 60 19.76 10.73 -38.25
C LEU D 60 20.81 11.30 -37.31
N LEU D 61 21.29 10.47 -36.39
CA LEU D 61 22.33 10.83 -35.44
C LEU D 61 23.52 9.91 -35.69
N GLY D 62 24.55 10.45 -36.35
CA GLY D 62 25.68 9.60 -36.69
C GLY D 62 25.26 8.47 -37.60
N GLY D 63 25.71 7.26 -37.26
CA GLY D 63 25.39 6.09 -38.07
C GLY D 63 23.92 5.74 -38.07
N GLN D 64 23.29 5.77 -36.90
CA GLN D 64 21.93 5.25 -36.73
C GLN D 64 20.93 6.39 -36.59
N ASP D 65 19.77 6.21 -37.23
CA ASP D 65 18.67 7.15 -37.05
C ASP D 65 18.04 6.98 -35.67
N LEU D 66 17.56 8.09 -35.12
CA LEU D 66 16.91 8.04 -33.82
C LEU D 66 15.62 7.23 -33.83
N GLY D 67 14.80 7.38 -34.86
CA GLY D 67 13.61 6.56 -34.96
C GLY D 67 13.95 5.10 -35.17
N ARG D 68 13.06 4.23 -34.67
CA ARG D 68 13.24 2.79 -34.77
C ARG D 68 14.56 2.36 -34.13
N ILE D 69 14.64 2.54 -32.82
CA ILE D 69 15.83 2.20 -32.05
C ILE D 69 15.44 1.19 -30.97
N THR D 70 16.32 0.22 -30.75
CA THR D 70 16.09 -0.76 -29.70
C THR D 70 16.12 -0.08 -28.34
N THR D 71 15.20 -0.49 -27.46
CA THR D 71 15.17 0.06 -26.11
C THR D 71 16.46 -0.29 -25.37
N ALA D 72 17.05 -1.44 -25.66
CA ALA D 72 18.31 -1.80 -25.04
C ALA D 72 19.42 -0.81 -25.38
N GLN D 73 19.39 -0.22 -26.57
CA GLN D 73 20.38 0.76 -26.96
C GLN D 73 20.14 2.12 -26.33
N ILE D 74 18.96 2.34 -25.75
CA ILE D 74 18.60 3.67 -25.24
C ILE D 74 19.57 4.17 -24.18
N PRO D 75 19.88 3.42 -23.12
CA PRO D 75 20.86 3.92 -22.15
C PRO D 75 22.21 4.18 -22.77
N PHE D 76 22.63 3.34 -23.71
CA PHE D 76 23.94 3.49 -24.34
C PHE D 76 24.07 4.79 -25.12
N LEU D 77 22.97 5.48 -25.36
CA LEU D 77 23.02 6.80 -25.97
C LEU D 77 22.60 7.92 -25.02
N ARG D 78 21.73 7.65 -24.06
CA ARG D 78 21.30 8.65 -23.11
C ARG D 78 22.32 8.89 -22.01
N ARG D 79 23.31 8.02 -21.85
CA ARG D 79 24.35 8.20 -20.85
C ARG D 79 25.56 8.95 -21.40
N GLN D 80 25.45 9.53 -22.58
CA GLN D 80 26.54 10.30 -23.16
C GLN D 80 26.27 11.79 -23.18
N ILE D 81 25.09 12.22 -22.74
CA ILE D 81 24.67 13.61 -22.87
C ILE D 81 24.11 14.09 -21.55
N GLY D 82 24.59 15.25 -21.08
CA GLY D 82 24.03 15.89 -19.91
C GLY D 82 22.97 16.91 -20.31
N VAL D 83 21.95 17.04 -19.47
CA VAL D 83 20.82 17.92 -19.75
C VAL D 83 20.37 18.60 -18.47
N VAL D 84 19.47 19.56 -18.62
CA VAL D 84 18.80 20.21 -17.51
C VAL D 84 17.42 20.63 -17.99
N PHE D 85 16.45 20.69 -17.08
CA PHE D 85 15.08 20.92 -17.45
C PHE D 85 14.48 22.12 -16.72
N GLN D 86 13.47 22.71 -17.36
CA GLN D 86 12.75 23.82 -16.74
C GLN D 86 12.21 23.41 -15.38
N ASN D 87 11.48 22.30 -15.34
CA ASN D 87 11.16 21.65 -14.08
C ASN D 87 12.30 20.69 -13.79
N HIS D 88 13.33 21.22 -13.13
CA HIS D 88 14.48 20.43 -12.73
C HIS D 88 14.06 19.21 -11.93
N GLN D 89 14.73 18.09 -12.17
CA GLN D 89 14.47 16.84 -11.48
C GLN D 89 15.68 16.49 -10.62
N LEU D 90 15.46 16.35 -9.32
CA LEU D 90 16.52 16.02 -8.39
C LEU D 90 16.04 14.98 -7.38
N LEU D 91 16.96 14.13 -6.94
CA LEU D 91 16.61 13.03 -6.05
C LEU D 91 16.46 13.55 -4.63
N THR D 92 15.21 13.68 -4.18
CA THR D 92 14.96 14.09 -2.81
C THR D 92 15.44 13.01 -1.85
N ASP D 93 15.80 13.43 -0.64
CA ASP D 93 16.31 12.61 0.45
C ASP D 93 17.73 12.11 0.18
N ARG D 94 18.30 12.42 -0.97
CA ARG D 94 19.70 12.17 -1.24
C ARG D 94 20.38 13.52 -1.43
N THR D 95 21.49 13.73 -0.76
CA THR D 95 22.09 15.05 -0.68
C THR D 95 22.60 15.51 -2.04
N VAL D 96 23.19 16.70 -2.04
CA VAL D 96 23.71 17.26 -3.29
C VAL D 96 24.88 16.45 -3.83
N ALA D 97 25.73 15.92 -2.96
CA ALA D 97 26.97 15.29 -3.42
C ALA D 97 26.70 14.09 -4.32
N ASP D 98 25.91 13.13 -3.85
CA ASP D 98 25.56 12.00 -4.70
C ASP D 98 24.63 12.38 -5.84
N ASN D 99 23.77 13.37 -5.63
CA ASN D 99 22.95 13.87 -6.72
C ASN D 99 23.82 14.26 -7.90
N ILE D 100 24.90 14.97 -7.64
CA ILE D 100 25.82 15.32 -8.72
C ILE D 100 26.57 14.09 -9.21
N ALA D 101 26.98 13.23 -8.28
CA ALA D 101 27.84 12.11 -8.62
C ALA D 101 27.16 11.04 -9.45
N LEU D 102 25.83 11.07 -9.54
CA LEU D 102 25.09 10.01 -10.21
C LEU D 102 25.73 9.48 -11.48
N PRO D 103 26.05 10.31 -12.49
CA PRO D 103 26.60 9.74 -13.73
C PRO D 103 27.90 8.98 -13.52
N LEU D 104 28.71 9.38 -12.54
CA LEU D 104 29.95 8.67 -12.29
C LEU D 104 29.67 7.23 -11.90
N GLN D 105 28.74 7.00 -10.98
CA GLN D 105 28.35 5.63 -10.67
C GLN D 105 27.69 4.98 -11.86
N ILE D 106 26.99 5.76 -12.68
CA ILE D 106 26.35 5.20 -13.87
C ILE D 106 27.40 4.57 -14.77
N LEU D 107 28.47 5.30 -15.06
CA LEU D 107 29.59 4.69 -15.76
C LEU D 107 30.38 3.78 -14.83
N GLY D 108 30.65 4.24 -13.62
CA GLY D 108 31.33 3.41 -12.64
C GLY D 108 32.82 3.69 -12.54
N MET D 109 33.23 4.47 -11.54
CA MET D 109 34.61 4.81 -11.26
C MET D 109 34.85 4.74 -9.76
N PRO D 110 36.10 4.59 -9.34
CA PRO D 110 36.40 4.64 -7.91
C PRO D 110 35.94 5.93 -7.25
N LYS D 111 35.55 5.80 -5.99
CA LYS D 111 35.03 6.94 -5.26
C LYS D 111 36.01 8.09 -5.05
N PRO D 112 37.33 7.88 -4.82
CA PRO D 112 38.18 9.03 -4.45
C PRO D 112 38.21 10.12 -5.51
N GLU D 113 38.60 9.74 -6.73
CA GLU D 113 38.61 10.73 -7.81
C GLU D 113 37.20 11.22 -8.12
N ILE D 114 36.18 10.44 -7.78
CA ILE D 114 34.81 10.89 -7.98
C ILE D 114 34.52 12.08 -7.06
N ALA D 115 34.89 11.97 -5.79
CA ALA D 115 34.74 13.09 -4.87
C ALA D 115 35.61 14.26 -5.31
N LYS D 116 36.82 13.96 -5.80
CA LYS D 116 37.66 15.00 -6.38
C LYS D 116 36.93 15.76 -7.48
N ARG D 117 36.30 15.03 -8.40
CA ARG D 117 35.67 15.66 -9.54
C ARG D 117 34.43 16.44 -9.13
N VAL D 118 33.66 15.93 -8.16
CA VAL D 118 32.49 16.67 -7.72
C VAL D 118 32.92 17.94 -7.00
N ALA D 119 34.00 17.87 -6.22
CA ALA D 119 34.54 19.09 -5.63
C ALA D 119 34.95 20.07 -6.70
N SER D 120 35.62 19.59 -7.75
CA SER D 120 36.03 20.46 -8.85
C SER D 120 34.83 21.10 -9.53
N ALA D 121 33.76 20.34 -9.70
CA ALA D 121 32.55 20.91 -10.27
C ALA D 121 31.91 21.92 -9.34
N LEU D 122 32.12 21.79 -8.04
CA LEU D 122 31.46 22.68 -7.09
C LEU D 122 31.90 24.14 -7.24
N GLU D 123 33.19 24.40 -7.47
CA GLU D 123 33.60 25.80 -7.48
C GLU D 123 33.15 26.52 -8.73
N ARG D 124 33.06 25.83 -9.87
CA ARG D 124 32.66 26.51 -11.09
C ARG D 124 31.24 27.02 -11.03
N VAL D 125 30.46 26.59 -10.04
CA VAL D 125 29.11 27.12 -9.83
C VAL D 125 29.04 27.98 -8.58
N ASN D 126 30.07 27.98 -7.74
CA ASN D 126 30.14 28.82 -6.55
C ASN D 126 29.11 28.38 -5.51
N LEU D 127 29.13 27.08 -5.19
CA LEU D 127 28.28 26.52 -4.15
C LEU D 127 29.13 25.71 -3.17
N LYS D 128 30.25 26.30 -2.75
CA LYS D 128 31.20 25.58 -1.91
C LYS D 128 30.56 25.17 -0.58
N GLU D 129 29.83 26.08 0.05
CA GLU D 129 29.29 25.81 1.38
C GLU D 129 28.14 24.81 1.34
N LYS D 130 27.53 24.62 0.18
CA LYS D 130 26.50 23.59 0.01
C LYS D 130 27.19 22.36 -0.55
N GLY D 131 27.66 21.50 0.35
CA GLY D 131 28.31 20.27 -0.07
C GLY D 131 27.58 19.05 0.44
N GLU D 132 26.84 19.23 1.54
CA GLU D 132 26.06 18.13 2.11
C GLU D 132 24.75 18.73 2.61
N ALA D 133 23.72 18.64 1.76
CA ALA D 133 22.42 19.16 2.11
C ALA D 133 21.37 18.52 1.23
N LEU D 134 20.16 18.38 1.76
CA LEU D 134 19.08 17.85 0.96
C LEU D 134 18.64 18.89 -0.07
N PRO D 135 18.22 18.43 -1.25
CA PRO D 135 17.78 19.38 -2.28
C PRO D 135 16.62 20.25 -1.82
N SER D 136 15.75 19.73 -0.95
CA SER D 136 14.65 20.53 -0.44
C SER D 136 15.13 21.74 0.36
N ASP D 137 16.36 21.69 0.85
CA ASP D 137 16.86 22.81 1.65
C ASP D 137 17.23 24.01 0.78
N LEU D 138 17.62 23.77 -0.47
CA LEU D 138 18.26 24.81 -1.26
C LEU D 138 17.27 25.90 -1.68
N SER D 139 17.82 27.07 -1.98
CA SER D 139 17.04 28.18 -2.52
C SER D 139 16.79 27.99 -4.01
N THR D 140 15.83 28.75 -4.54
CA THR D 140 15.25 28.43 -5.84
C THR D 140 16.30 28.30 -6.94
N GLY D 141 17.18 29.28 -7.07
CA GLY D 141 18.19 29.20 -8.11
C GLY D 141 19.23 28.15 -7.82
N GLN D 142 19.37 27.78 -6.55
CA GLN D 142 20.45 26.90 -6.15
C GLN D 142 20.28 25.52 -6.79
N GLN D 143 19.10 24.94 -6.72
CA GLN D 143 18.94 23.63 -7.35
C GLN D 143 19.02 23.73 -8.87
N GLN D 144 18.62 24.86 -9.45
CA GLN D 144 18.79 25.00 -10.89
C GLN D 144 20.25 24.92 -11.27
N ARG D 145 21.11 25.67 -10.58
CA ARG D 145 22.52 25.55 -10.88
C ARG D 145 23.09 24.20 -10.45
N VAL D 146 22.45 23.54 -9.48
CA VAL D 146 22.85 22.19 -9.11
C VAL D 146 22.65 21.25 -10.28
N GLY D 147 21.48 21.29 -10.90
CA GLY D 147 21.26 20.49 -12.08
C GLY D 147 22.22 20.85 -13.20
N ILE D 148 22.51 22.14 -13.34
CA ILE D 148 23.51 22.55 -14.31
C ILE D 148 24.82 21.82 -14.07
N ALA D 149 25.27 21.82 -12.82
CA ALA D 149 26.49 21.11 -12.48
C ALA D 149 26.36 19.63 -12.78
N ARG D 150 25.20 19.05 -12.51
CA ARG D 150 24.96 17.65 -12.85
C ARG D 150 25.24 17.40 -14.32
N ALA D 151 24.81 18.31 -15.18
CA ALA D 151 25.15 18.18 -16.59
C ALA D 151 26.63 18.43 -16.86
N ILE D 152 27.25 19.29 -16.05
CA ILE D 152 28.63 19.69 -16.32
C ILE D 152 29.58 18.53 -16.14
N VAL D 153 29.38 17.74 -15.09
CA VAL D 153 30.35 16.73 -14.67
C VAL D 153 30.50 15.67 -15.75
N HIS D 154 31.51 14.82 -15.59
CA HIS D 154 31.84 13.72 -16.48
C HIS D 154 32.17 14.16 -17.89
N GLN D 155 32.42 15.47 -18.09
CA GLN D 155 32.76 16.10 -19.36
C GLN D 155 31.98 15.45 -20.51
N PRO D 156 30.67 15.65 -20.56
CA PRO D 156 29.87 15.01 -21.61
C PRO D 156 30.35 15.42 -22.99
N ALA D 157 30.33 14.46 -23.92
CA ALA D 157 30.71 14.75 -25.29
C ALA D 157 29.78 15.76 -25.93
N LEU D 158 28.57 15.91 -25.41
CA LEU D 158 27.61 16.86 -25.95
C LEU D 158 26.70 17.34 -24.84
N LEU D 159 26.23 18.57 -24.97
CA LEU D 159 25.35 19.19 -24.00
C LEU D 159 24.10 19.68 -24.69
N LEU D 160 22.95 19.51 -24.06
CA LEU D 160 21.70 20.03 -24.59
C LEU D 160 21.11 21.11 -23.71
N ALA D 161 20.79 20.79 -22.45
CA ALA D 161 20.28 21.73 -21.47
C ALA D 161 18.99 22.41 -21.90
N ASP D 162 18.40 23.19 -20.99
CA ASP D 162 17.26 24.04 -21.31
C ASP D 162 17.56 25.46 -20.87
N GLN D 163 16.56 26.34 -20.90
CA GLN D 163 16.71 27.73 -20.49
C GLN D 163 17.38 27.81 -19.13
N PRO D 164 18.65 28.18 -19.09
CA PRO D 164 19.33 28.33 -17.80
C PRO D 164 19.12 29.73 -17.27
N THR D 165 19.38 29.88 -15.97
CA THR D 165 19.31 31.19 -15.33
C THR D 165 17.94 31.83 -15.51
N GLY D 166 16.92 31.00 -15.72
CA GLY D 166 15.58 31.52 -15.87
C GLY D 166 15.09 32.27 -14.65
N ASN D 167 15.72 32.03 -13.51
CA ASN D 167 15.40 32.73 -12.26
C ASN D 167 16.63 33.27 -11.57
N LEU D 168 17.71 33.50 -12.30
CA LEU D 168 19.00 33.79 -11.69
C LEU D 168 19.34 35.26 -11.79
N ASP D 169 20.39 35.64 -11.07
CA ASP D 169 20.88 37.00 -11.15
C ASP D 169 21.48 37.26 -12.52
N PRO D 170 21.12 38.38 -13.15
CA PRO D 170 21.65 38.67 -14.50
C PRO D 170 23.16 38.71 -14.50
N ARG D 171 23.77 39.30 -13.47
CA ARG D 171 25.22 39.27 -13.36
C ARG D 171 25.73 37.85 -13.23
N LEU D 172 25.05 37.05 -12.42
CA LEU D 172 25.53 35.70 -12.14
C LEU D 172 25.44 34.80 -13.35
N ALA D 173 24.56 35.10 -14.30
CA ALA D 173 24.48 34.30 -15.52
C ALA D 173 25.67 34.53 -16.42
N SER D 174 26.35 35.66 -16.25
CA SER D 174 27.46 36.01 -17.12
C SER D 174 28.54 34.94 -17.08
N GLU D 175 29.10 34.71 -15.90
CA GLU D 175 30.07 33.65 -15.73
C GLU D 175 29.49 32.29 -16.10
N ILE D 176 28.16 32.16 -16.05
CA ILE D 176 27.55 30.88 -16.36
C ILE D 176 27.71 30.56 -17.84
N MET D 177 27.26 31.46 -18.72
CA MET D 177 27.46 31.13 -20.12
C MET D 177 28.91 31.31 -20.51
N GLY D 178 29.69 32.00 -19.69
CA GLY D 178 31.13 31.95 -19.88
C GLY D 178 31.68 30.55 -19.70
N VAL D 179 31.24 29.87 -18.64
CA VAL D 179 31.62 28.47 -18.45
C VAL D 179 31.09 27.62 -19.59
N PHE D 180 29.91 27.97 -20.09
CA PHE D 180 29.37 27.25 -21.24
C PHE D 180 30.31 27.38 -22.44
N GLU D 181 30.80 28.58 -22.69
CA GLU D 181 31.76 28.79 -23.76
C GLU D 181 33.05 28.02 -23.50
N ASP D 182 33.48 28.01 -22.24
CA ASP D 182 34.68 27.25 -21.90
C ASP D 182 34.51 25.78 -22.23
N ILE D 183 33.33 25.24 -21.95
CA ILE D 183 33.02 23.87 -22.36
C ILE D 183 33.06 23.78 -23.88
N ASN D 184 32.47 24.74 -24.56
CA ASN D 184 32.46 24.75 -26.02
C ASN D 184 33.86 24.82 -26.59
N ARG D 185 34.84 25.26 -25.80
CA ARG D 185 36.21 25.35 -26.30
C ARG D 185 36.74 24.00 -26.75
N LEU D 186 36.25 22.93 -26.15
CA LEU D 186 36.64 21.58 -26.55
C LEU D 186 35.61 21.04 -27.53
N GLY D 187 35.76 19.77 -27.90
CA GLY D 187 34.84 19.14 -28.84
C GLY D 187 33.49 18.87 -28.20
N THR D 188 32.78 19.94 -27.84
CA THR D 188 31.49 19.84 -27.16
C THR D 188 30.51 20.75 -27.88
N THR D 189 29.39 20.20 -28.30
CA THR D 189 28.37 20.95 -29.04
C THR D 189 27.25 21.30 -28.06
N VAL D 190 26.87 22.56 -28.05
CA VAL D 190 25.86 23.05 -27.11
C VAL D 190 24.62 23.47 -27.87
N LEU D 191 23.46 23.09 -27.36
CA LEU D 191 22.16 23.35 -27.97
C LEU D 191 21.28 24.15 -27.01
N ILE D 192 21.85 25.19 -26.41
CA ILE D 192 21.10 25.95 -25.42
C ILE D 192 19.98 26.73 -26.09
N ALA D 193 18.88 26.91 -25.37
CA ALA D 193 17.73 27.69 -25.82
C ALA D 193 17.27 28.59 -24.70
N SER D 194 16.76 29.77 -25.04
CA SER D 194 16.37 30.74 -24.03
C SER D 194 15.49 31.82 -24.65
N HIS D 195 15.05 32.75 -23.81
CA HIS D 195 14.32 33.93 -24.22
C HIS D 195 15.08 35.23 -24.03
N ASP D 196 16.14 35.24 -23.22
CA ASP D 196 16.84 36.48 -22.92
C ASP D 196 17.68 36.85 -24.13
N LEU D 197 17.07 37.59 -25.05
CA LEU D 197 17.75 37.99 -26.27
C LEU D 197 18.89 38.96 -26.02
N ALA D 198 18.91 39.61 -24.86
CA ALA D 198 19.91 40.63 -24.59
C ALA D 198 21.31 40.04 -24.64
N LEU D 199 21.51 38.89 -24.03
CA LEU D 199 22.84 38.31 -23.92
C LEU D 199 23.16 37.34 -25.05
N ILE D 200 22.24 37.11 -25.98
CA ILE D 200 22.50 36.23 -27.10
C ILE D 200 23.02 37.01 -28.31
N ALA D 201 23.50 38.23 -28.08
CA ALA D 201 24.03 39.07 -29.15
C ALA D 201 25.53 39.29 -29.00
N ARG D 202 26.21 38.51 -28.15
CA ARG D 202 27.61 38.79 -27.85
C ARG D 202 28.55 37.88 -28.64
N MET D 203 28.46 36.57 -28.42
CA MET D 203 29.38 35.63 -29.02
C MET D 203 28.85 35.15 -30.37
N ARG D 204 29.45 34.10 -30.90
CA ARG D 204 28.91 33.45 -32.09
C ARG D 204 27.51 32.91 -31.80
N HIS D 205 26.62 33.05 -32.76
CA HIS D 205 25.21 32.74 -32.52
C HIS D 205 24.59 32.24 -33.81
N ARG D 206 23.43 31.60 -33.68
CA ARG D 206 22.72 31.06 -34.84
C ARG D 206 21.23 31.38 -34.88
N MET D 207 20.62 31.72 -33.76
CA MET D 207 19.22 32.21 -33.71
C MET D 207 18.28 31.40 -34.59
N LEU D 208 18.11 30.14 -34.26
CA LEU D 208 17.06 29.36 -34.92
C LEU D 208 15.74 29.64 -34.23
N THR D 209 14.85 30.34 -34.92
CA THR D 209 13.60 30.83 -34.35
C THR D 209 12.44 30.00 -34.88
N LEU D 210 11.59 29.54 -33.96
CA LEU D 210 10.43 28.72 -34.29
C LEU D 210 9.17 29.54 -34.06
N GLN D 211 8.19 29.37 -34.95
CA GLN D 211 6.92 30.08 -34.81
C GLN D 211 5.79 29.12 -35.14
N ARG D 212 5.11 28.63 -34.11
CA ARG D 212 3.93 27.79 -34.27
C ARG D 212 4.23 26.56 -35.13
N GLY D 213 5.35 25.89 -34.83
CA GLY D 213 5.75 24.71 -35.57
C GLY D 213 6.46 24.99 -36.86
N ARG D 214 6.62 26.26 -37.24
CA ARG D 214 7.27 26.63 -38.47
C ARG D 214 8.77 26.73 -38.24
N ILE D 215 9.54 25.96 -39.01
CA ILE D 215 10.98 25.87 -38.78
C ILE D 215 11.65 27.23 -38.94
N ILE D 216 11.29 27.97 -39.96
CA ILE D 216 12.00 29.19 -40.32
C ILE D 216 11.11 30.37 -39.94
N ALA D 217 11.32 30.88 -38.73
CA ALA D 217 11.04 32.26 -38.43
C ALA D 217 12.29 33.11 -38.51
N ASP D 218 13.46 32.46 -38.48
CA ASP D 218 14.75 33.12 -38.67
C ASP D 218 15.67 32.17 -39.42
N ARG D 219 16.95 32.52 -39.52
CA ARG D 219 17.93 31.73 -40.26
C ARG D 219 19.24 31.76 -39.46
N GLU D 220 20.34 31.36 -40.11
CA GLU D 220 21.66 31.42 -39.51
C GLU D 220 21.92 32.74 -38.79
N ASP D 221 21.98 33.84 -39.55
CA ASP D 221 22.21 35.17 -38.98
C ASP D 221 23.49 35.19 -38.14
N GLU D 222 24.48 34.39 -38.55
CA GLU D 222 25.72 34.28 -37.78
C GLU D 222 26.62 35.47 -38.05
PG ATP E . 16.65 32.51 -5.41
O1G ATP E . 17.69 32.94 -6.33
O2G ATP E . 16.96 31.11 -5.12
O3G ATP E . 15.43 32.43 -6.22
PB ATP E . 15.50 32.92 -2.88
O1B ATP E . 14.55 33.93 -2.44
O2B ATP E . 14.64 31.86 -3.40
O3B ATP E . 16.49 33.44 -4.07
PA ATP E . 15.52 31.67 -0.37
O1A ATP E . 14.44 32.56 0.03
O2A ATP E . 14.76 30.53 -0.87
O3A ATP E . 16.35 32.37 -1.59
O5' ATP E . 16.50 31.24 0.88
C5' ATP E . 17.70 31.94 1.04
C4' ATP E . 18.74 31.07 1.66
O4' ATP E . 18.31 30.57 2.96
C3' ATP E . 18.96 29.87 0.80
O3' ATP E . 20.06 30.12 -0.07
C2' ATP E . 19.30 28.78 1.72
O2' ATP E . 20.71 28.65 1.82
C1' ATP E . 18.73 29.16 3.05
N9 ATP E . 17.60 28.37 3.33
C8 ATP E . 16.47 28.48 2.64
N7 ATP E . 15.56 27.61 3.13
C5 ATP E . 16.25 26.92 4.23
C6 ATP E . 15.91 25.93 5.14
N6 ATP E . 14.59 25.33 5.11
N1 ATP E . 16.82 25.56 6.01
C2 ATP E . 18.03 26.09 6.04
N3 ATP E . 18.40 27.02 5.21
C4 ATP E . 17.57 27.47 4.30
MG MG F . 13.33 33.31 -3.60
PG ATP G . 7.03 27.04 -23.28
O1G ATP G . 7.61 28.11 -22.47
O2G ATP G . 5.61 27.35 -23.34
O3G ATP G . 7.12 25.85 -22.45
PB ATP G . 8.22 25.39 -25.27
O1B ATP G . 9.27 25.47 -26.26
O2B ATP G . 8.87 24.61 -24.22
O3B ATP G . 7.75 26.85 -24.75
PA ATP G . 7.01 23.01 -26.30
O1A ATP G . 8.32 22.66 -26.84
O2A ATP G . 6.95 22.15 -25.13
O3A ATP G . 6.92 24.58 -25.87
O5' ATP G . 5.78 22.68 -27.35
C5' ATP G . 5.00 23.78 -27.70
C4' ATP G . 3.58 23.36 -27.93
O4' ATP G . 3.50 21.94 -28.23
C3' ATP G . 2.80 23.54 -26.68
O3' ATP G . 2.17 24.83 -26.70
C2' ATP G . 1.76 22.50 -26.70
O2' ATP G . 0.52 23.06 -27.12
C1' ATP G . 2.21 21.49 -27.70
N9 ATP G . 2.38 20.25 -27.04
C8 ATP G . 3.54 19.61 -27.01
N7 ATP G . 3.41 18.46 -26.34
C5 ATP G . 2.00 18.44 -25.90
C6 ATP G . 1.20 17.56 -25.18
N6 ATP G . 1.73 16.33 -24.64
N1 ATP G . -0.07 17.89 -25.00
C2 ATP G . -0.57 19.00 -25.49
N3 ATP G . 0.12 19.87 -26.17
C4 ATP G . 1.39 19.63 -26.40
#